data_2QW7
#
_entry.id   2QW7
#
_cell.length_a   64.428
_cell.length_b   107.444
_cell.length_c   72.264
_cell.angle_alpha   90.000
_cell.angle_beta   96.510
_cell.angle_gamma   90.000
#
_symmetry.space_group_name_H-M   'P 1 21 1'
#
loop_
_entity.id
_entity.type
_entity.pdbx_description
1 polymer 'Carbon dioxide concentrating mechanism protein ccmL'
2 non-polymer GLYCEROL
3 water water
#
_entity_poly.entity_id   1
_entity_poly.type   'polypeptide(L)'
_entity_poly.pdbx_seq_one_letter_code
;MQLAKVLGTVVSTSKTPNLTGVKLLLVQFLDTKGQPLERYEVAGDVVGAGLNEWVLVARGSAARKERGNGDRPLDAMVVG
IIDTVNVASGSLYNKRDDGRLEAAAHHHHHH
;
_entity_poly.pdbx_strand_id   A,B,C,D,E,F,G,H,I,J
#
loop_
_chem_comp.id
_chem_comp.type
_chem_comp.name
_chem_comp.formula
GOL non-polymer GLYCEROL 'C3 H8 O3'
#
# COMPACT_ATOMS: atom_id res chain seq x y z
N MET A 1 9.50 -21.78 -32.86
CA MET A 1 10.32 -21.84 -31.60
CA MET A 1 10.36 -21.88 -31.64
C MET A 1 11.68 -21.12 -31.72
N GLN A 2 12.34 -20.87 -30.58
CA GLN A 2 13.64 -20.14 -30.59
C GLN A 2 14.80 -20.96 -30.09
N LEU A 3 15.95 -20.72 -30.72
CA LEU A 3 17.14 -21.41 -30.33
C LEU A 3 17.60 -20.57 -29.13
N ALA A 4 18.05 -21.24 -28.07
CA ALA A 4 18.46 -20.64 -26.82
C ALA A 4 19.48 -21.50 -26.11
N LYS A 5 20.25 -20.83 -25.23
CA LYS A 5 21.29 -21.46 -24.40
C LYS A 5 20.84 -21.40 -22.92
N VAL A 6 21.08 -22.48 -22.18
CA VAL A 6 20.74 -22.48 -20.78
C VAL A 6 21.77 -21.76 -19.97
N LEU A 7 21.31 -20.68 -19.32
CA LEU A 7 22.15 -19.84 -18.49
C LEU A 7 22.14 -20.22 -17.03
N GLY A 8 20.97 -20.53 -16.51
CA GLY A 8 20.87 -20.89 -15.11
C GLY A 8 19.50 -21.37 -14.68
N THR A 9 19.28 -21.40 -13.36
CA THR A 9 17.97 -21.81 -12.84
C THR A 9 17.40 -20.65 -12.00
N VAL A 10 16.07 -20.63 -11.92
CA VAL A 10 15.32 -19.60 -11.18
C VAL A 10 14.55 -20.23 -10.03
N VAL A 11 14.87 -19.82 -8.82
CA VAL A 11 14.20 -20.39 -7.64
C VAL A 11 13.21 -19.36 -7.11
N SER A 12 11.97 -19.83 -6.97
CA SER A 12 10.88 -19.04 -6.45
C SER A 12 10.13 -19.94 -5.49
N THR A 13 9.99 -19.45 -4.26
CA THR A 13 9.26 -20.18 -3.24
C THR A 13 7.85 -19.61 -3.06
N SER A 14 7.73 -18.30 -3.14
CA SER A 14 6.41 -17.67 -3.06
C SER A 14 5.90 -17.52 -4.49
N LYS A 15 5.03 -18.47 -4.88
CA LYS A 15 4.46 -18.54 -6.21
C LYS A 15 3.10 -19.23 -6.27
N THR A 16 2.49 -19.22 -7.45
CA THR A 16 1.18 -19.84 -7.59
C THR A 16 1.27 -21.36 -7.45
N PRO A 17 0.25 -21.96 -6.86
CA PRO A 17 0.10 -23.41 -6.81
C PRO A 17 0.20 -24.17 -8.14
N ASN A 18 -0.09 -23.49 -9.25
CA ASN A 18 -0.03 -24.07 -10.58
C ASN A 18 1.41 -24.08 -11.10
N LEU A 19 2.34 -23.54 -10.31
CA LEU A 19 3.72 -23.46 -10.75
C LEU A 19 4.57 -24.36 -9.88
N THR A 20 3.91 -25.14 -9.04
CA THR A 20 4.61 -26.05 -8.15
C THR A 20 4.94 -27.29 -8.97
N GLY A 21 6.17 -27.78 -8.82
CA GLY A 21 6.61 -28.95 -9.58
C GLY A 21 7.13 -28.61 -10.96
N VAL A 22 7.24 -27.32 -11.27
CA VAL A 22 7.83 -26.90 -12.54
C VAL A 22 9.25 -26.44 -12.34
N LYS A 23 10.21 -27.04 -13.05
CA LYS A 23 11.63 -26.57 -13.00
C LYS A 23 11.76 -25.34 -13.89
N LEU A 24 12.27 -24.25 -13.33
CA LEU A 24 12.34 -22.99 -14.06
C LEU A 24 13.73 -22.66 -14.49
N LEU A 25 13.92 -22.69 -15.79
CA LEU A 25 15.21 -22.41 -16.37
C LEU A 25 15.24 -21.08 -17.07
N LEU A 26 16.36 -20.34 -16.85
CA LEU A 26 16.62 -19.11 -17.52
C LEU A 26 17.34 -19.47 -18.81
N VAL A 27 16.69 -19.23 -19.93
CA VAL A 27 17.29 -19.50 -21.24
C VAL A 27 17.42 -18.27 -22.09
N GLN A 28 18.66 -17.89 -22.40
CA GLN A 28 18.98 -16.73 -23.26
C GLN A 28 18.84 -17.06 -24.74
N PHE A 29 18.14 -16.20 -25.48
CA PHE A 29 17.95 -16.48 -26.91
C PHE A 29 19.20 -16.27 -27.75
N LEU A 30 19.22 -17.09 -28.81
CA LEU A 30 20.32 -17.10 -29.79
C LEU A 30 19.85 -16.67 -31.19
N ASP A 31 20.70 -16.02 -31.95
CA ASP A 31 20.26 -15.66 -33.29
C ASP A 31 20.56 -16.80 -34.31
N THR A 32 20.42 -16.49 -35.62
CA THR A 32 20.67 -17.48 -36.70
C THR A 32 22.17 -17.77 -36.88
N LYS A 33 23.04 -16.97 -36.29
CA LYS A 33 24.47 -17.25 -36.34
C LYS A 33 24.97 -17.80 -35.01
N GLY A 34 24.07 -18.37 -34.23
CA GLY A 34 24.40 -18.94 -32.92
C GLY A 34 24.93 -17.91 -31.91
N GLN A 35 24.63 -16.65 -32.13
CA GLN A 35 25.12 -15.59 -31.23
C GLN A 35 24.01 -15.18 -30.26
N PRO A 36 24.39 -14.80 -29.01
CA PRO A 36 23.46 -14.45 -27.94
C PRO A 36 22.72 -13.13 -28.07
N LEU A 37 21.42 -13.23 -27.92
CA LEU A 37 20.57 -12.05 -27.99
C LEU A 37 20.22 -11.55 -26.58
N GLU A 38 19.62 -10.38 -26.51
CA GLU A 38 19.23 -9.81 -25.23
C GLU A 38 17.97 -10.52 -24.75
N ARG A 39 17.06 -10.76 -25.69
CA ARG A 39 15.83 -11.47 -25.39
C ARG A 39 16.14 -12.79 -24.69
N TYR A 40 15.30 -13.11 -23.69
CA TYR A 40 15.41 -14.33 -22.89
C TYR A 40 14.00 -14.86 -22.49
N GLU A 41 13.99 -15.97 -21.79
CA GLU A 41 12.76 -16.38 -21.12
C GLU A 41 13.14 -17.14 -19.88
N VAL A 42 12.35 -17.00 -18.86
CA VAL A 42 12.43 -17.93 -17.74
C VAL A 42 11.38 -18.99 -18.17
N ALA A 43 11.88 -20.14 -18.57
CA ALA A 43 11.04 -21.20 -19.13
C ALA A 43 10.89 -22.43 -18.22
N GLY A 44 9.76 -23.09 -18.32
CA GLY A 44 9.58 -24.38 -17.61
C GLY A 44 10.25 -25.46 -18.48
N ASP A 45 10.89 -26.43 -17.82
CA ASP A 45 11.71 -27.45 -18.49
C ASP A 45 11.10 -28.81 -18.31
N VAL A 46 10.75 -29.40 -19.45
CA VAL A 46 10.02 -30.68 -19.49
C VAL A 46 10.89 -31.75 -20.16
N VAL A 47 12.13 -31.35 -20.48
CA VAL A 47 13.07 -32.16 -21.24
C VAL A 47 14.40 -32.53 -20.48
N GLY A 48 14.76 -31.76 -19.45
CA GLY A 48 15.94 -32.05 -18.65
C GLY A 48 17.22 -31.42 -19.18
N ALA A 49 17.16 -30.13 -19.48
CA ALA A 49 18.29 -29.43 -20.05
C ALA A 49 19.26 -28.92 -19.02
N GLY A 50 20.52 -28.80 -19.40
CA GLY A 50 21.54 -28.32 -18.47
C GLY A 50 22.40 -27.16 -18.91
N LEU A 51 23.10 -26.58 -17.95
CA LEU A 51 23.89 -25.36 -18.23
C LEU A 51 24.62 -25.41 -19.55
N ASN A 52 24.48 -24.34 -20.32
CA ASN A 52 25.19 -24.19 -21.59
C ASN A 52 24.73 -25.01 -22.78
N GLU A 53 23.78 -25.93 -22.55
CA GLU A 53 23.18 -26.71 -23.61
C GLU A 53 22.29 -25.78 -24.45
N TRP A 54 22.26 -26.03 -25.76
CA TRP A 54 21.40 -25.33 -26.72
C TRP A 54 20.07 -26.05 -26.73
N VAL A 55 19.01 -25.25 -26.73
CA VAL A 55 17.67 -25.79 -26.57
C VAL A 55 16.63 -25.11 -27.44
N LEU A 56 15.48 -25.79 -27.57
CA LEU A 56 14.30 -25.27 -28.28
C LEU A 56 13.31 -24.74 -27.30
N VAL A 57 12.94 -23.46 -27.50
CA VAL A 57 12.02 -22.72 -26.63
C VAL A 57 10.70 -22.46 -27.33
N ALA A 58 9.63 -23.02 -26.84
CA ALA A 58 8.30 -22.75 -27.33
C ALA A 58 7.72 -21.57 -26.56
N ARG A 59 7.20 -20.56 -27.26
CA ARG A 59 6.51 -19.42 -26.64
C ARG A 59 4.95 -19.37 -26.65
N GLY A 60 4.46 -18.52 -25.75
CA GLY A 60 3.02 -18.33 -25.73
C GLY A 60 2.25 -19.55 -25.37
N SER A 61 1.03 -19.68 -25.82
CA SER A 61 0.19 -20.87 -25.43
C SER A 61 0.72 -22.27 -25.83
N ALA A 62 1.74 -22.29 -26.69
CA ALA A 62 2.40 -23.52 -27.09
C ALA A 62 3.07 -24.17 -25.87
N ALA A 63 3.57 -23.32 -24.98
CA ALA A 63 4.24 -23.75 -23.74
C ALA A 63 3.31 -24.51 -22.74
N ARG A 64 2.02 -24.54 -23.00
CA ARG A 64 1.08 -25.27 -22.14
C ARG A 64 0.54 -26.52 -22.78
N LYS A 65 1.18 -26.99 -23.84
CA LYS A 65 0.67 -28.14 -24.60
C LYS A 65 1.28 -29.50 -24.27
N GLU A 66 1.90 -29.64 -23.09
CA GLU A 66 2.39 -30.94 -22.69
CA GLU A 66 2.42 -30.95 -22.66
C GLU A 66 1.41 -31.59 -21.69
N ARG A 67 1.52 -32.91 -21.52
CA ARG A 67 0.63 -33.69 -20.67
C ARG A 67 -0.09 -32.95 -19.53
N GLY A 68 0.68 -32.52 -18.52
CA GLY A 68 0.07 -31.87 -17.34
C GLY A 68 0.27 -30.37 -17.19
N ASN A 69 0.42 -29.67 -18.31
CA ASN A 69 0.69 -28.24 -18.26
C ASN A 69 -0.41 -27.29 -18.75
N GLY A 70 -1.60 -27.83 -19.01
CA GLY A 70 -2.69 -27.03 -19.58
C GLY A 70 -3.32 -25.94 -18.74
N ASP A 71 -3.15 -26.07 -17.42
CA ASP A 71 -3.63 -25.09 -16.45
C ASP A 71 -2.54 -24.30 -15.71
N ARG A 72 -1.33 -24.34 -16.23
CA ARG A 72 -0.18 -23.66 -15.59
C ARG A 72 0.07 -22.35 -16.27
N PRO A 73 0.55 -21.33 -15.53
CA PRO A 73 0.83 -20.03 -16.10
C PRO A 73 2.13 -19.96 -16.87
N LEU A 74 2.30 -20.96 -17.73
CA LEU A 74 3.48 -21.09 -18.54
C LEU A 74 3.41 -20.39 -19.93
N ASP A 75 4.33 -19.42 -20.06
CA ASP A 75 4.62 -18.57 -21.20
C ASP A 75 5.60 -19.13 -22.22
N ALA A 76 6.60 -19.82 -21.66
CA ALA A 76 7.78 -20.33 -22.34
C ALA A 76 8.19 -21.66 -21.76
N MET A 77 8.44 -22.62 -22.66
CA MET A 77 8.74 -23.99 -22.35
C MET A 77 9.90 -24.50 -23.16
N VAL A 78 10.83 -25.19 -22.49
CA VAL A 78 11.98 -25.87 -23.13
C VAL A 78 11.43 -27.24 -23.58
N VAL A 79 11.25 -27.34 -24.90
CA VAL A 79 10.56 -28.48 -25.55
C VAL A 79 11.54 -29.45 -26.22
N GLY A 80 12.84 -29.07 -26.22
CA GLY A 80 13.88 -29.99 -26.70
C GLY A 80 15.31 -29.51 -26.66
N ILE A 81 16.23 -30.48 -26.68
CA ILE A 81 17.67 -30.15 -26.67
C ILE A 81 18.15 -30.35 -28.11
N ILE A 82 18.98 -29.39 -28.55
CA ILE A 82 19.44 -29.36 -29.93
C ILE A 82 20.71 -30.16 -30.09
N ASP A 83 20.74 -31.08 -31.05
CA ASP A 83 21.98 -31.88 -31.31
C ASP A 83 22.78 -31.10 -32.40
N THR A 84 22.08 -30.78 -33.49
CA THR A 84 22.68 -30.04 -34.61
C THR A 84 21.75 -29.05 -35.30
N VAL A 85 22.41 -27.96 -35.72
CA VAL A 85 21.82 -26.93 -36.57
C VAL A 85 22.63 -26.92 -37.88
N ASN A 86 21.99 -27.35 -38.97
CA ASN A 86 22.62 -27.47 -40.28
C ASN A 86 22.17 -26.40 -41.29
N VAL A 87 23.10 -25.54 -41.75
CA VAL A 87 22.80 -24.48 -42.72
C VAL A 87 23.41 -24.80 -44.10
N ALA A 88 23.40 -23.84 -45.02
CA ALA A 88 23.98 -24.06 -46.36
C ALA A 88 25.50 -24.15 -46.30
N SER A 89 26.12 -23.34 -45.44
CA SER A 89 27.58 -23.36 -45.27
C SER A 89 28.03 -24.69 -44.65
N GLY A 90 27.13 -25.31 -43.90
CA GLY A 90 27.39 -26.57 -43.22
C GLY A 90 26.77 -26.56 -41.83
N SER A 91 27.38 -27.25 -40.88
CA SER A 91 26.84 -27.26 -39.51
C SER A 91 27.16 -25.96 -38.78
N LEU A 92 26.14 -25.35 -38.20
CA LEU A 92 26.31 -24.12 -37.42
C LEU A 92 26.53 -24.51 -35.96
N TYR A 93 26.00 -25.69 -35.63
CA TYR A 93 26.12 -26.22 -34.31
C TYR A 93 26.04 -27.73 -34.30
N ASN A 94 26.92 -28.34 -33.51
CA ASN A 94 26.98 -29.78 -33.31
C ASN A 94 27.27 -29.93 -31.84
N LYS A 95 26.41 -30.59 -31.06
CA LYS A 95 26.63 -30.70 -29.61
C LYS A 95 27.87 -31.51 -29.24
N ARG A 96 28.29 -32.40 -30.14
CA ARG A 96 29.47 -33.22 -29.99
C ARG A 96 30.67 -32.54 -30.64
N MET B 1 1.37 -13.35 -41.23
CA MET B 1 2.36 -14.43 -41.56
CA MET B 1 2.46 -14.35 -41.37
C MET B 1 3.55 -13.61 -42.02
N GLN B 2 4.72 -14.21 -41.90
CA GLN B 2 5.95 -13.58 -42.32
C GLN B 2 6.64 -14.21 -43.53
N LEU B 3 7.29 -13.34 -44.29
CA LEU B 3 8.06 -13.80 -45.42
C LEU B 3 9.33 -14.33 -44.76
N ALA B 4 9.79 -15.50 -45.19
CA ALA B 4 11.02 -16.05 -44.65
C ALA B 4 11.67 -16.99 -45.66
N LYS B 5 12.96 -17.22 -45.43
CA LYS B 5 13.81 -17.99 -46.32
C LYS B 5 14.34 -19.17 -45.54
N VAL B 6 14.33 -20.36 -46.13
CA VAL B 6 14.80 -21.53 -45.39
C VAL B 6 16.34 -21.56 -45.34
N LEU B 7 16.85 -21.48 -44.12
CA LEU B 7 18.28 -21.52 -43.84
C LEU B 7 18.80 -22.95 -43.63
N GLY B 8 18.03 -23.82 -43.00
CA GLY B 8 18.47 -25.18 -42.83
C GLY B 8 17.51 -25.93 -41.97
N THR B 9 18.02 -26.97 -41.28
CA THR B 9 17.23 -27.90 -40.42
C THR B 9 17.77 -28.05 -38.99
N VAL B 10 16.85 -28.31 -38.06
CA VAL B 10 17.22 -28.48 -36.65
C VAL B 10 16.93 -29.90 -36.19
N VAL B 11 17.96 -30.60 -35.74
CA VAL B 11 17.80 -31.94 -35.25
C VAL B 11 17.82 -31.88 -33.73
N SER B 12 16.83 -32.54 -33.12
CA SER B 12 16.69 -32.63 -31.68
C SER B 12 16.27 -34.03 -31.46
N THR B 13 16.99 -34.75 -30.60
CA THR B 13 16.62 -36.10 -30.25
C THR B 13 15.99 -36.16 -28.84
N SER B 14 16.54 -35.34 -27.95
CA SER B 14 16.02 -35.22 -26.60
C SER B 14 14.89 -34.16 -26.67
N LYS B 15 13.64 -34.62 -26.81
CA LYS B 15 12.50 -33.71 -26.93
C LYS B 15 11.16 -34.27 -26.47
N THR B 16 10.17 -33.38 -26.42
CA THR B 16 8.88 -33.75 -25.92
C THR B 16 8.22 -34.69 -26.93
N PRO B 17 7.43 -35.67 -26.43
CA PRO B 17 6.70 -36.66 -27.29
C PRO B 17 5.74 -36.07 -28.31
N ASN B 18 5.31 -34.84 -28.04
CA ASN B 18 4.43 -34.04 -28.90
C ASN B 18 5.19 -33.36 -30.05
N LEU B 19 6.50 -33.44 -30.01
CA LEU B 19 7.30 -32.93 -31.11
C LEU B 19 7.85 -34.06 -31.95
N THR B 20 7.36 -35.29 -31.73
CA THR B 20 7.90 -36.39 -32.49
C THR B 20 7.12 -36.45 -33.79
N GLY B 21 7.84 -36.58 -34.88
CA GLY B 21 7.18 -36.61 -36.19
C GLY B 21 7.05 -35.22 -36.81
N VAL B 22 7.54 -34.18 -36.14
CA VAL B 22 7.52 -32.84 -36.77
C VAL B 22 8.90 -32.47 -37.31
N LYS B 23 8.94 -32.10 -38.59
CA LYS B 23 10.15 -31.63 -39.29
C LYS B 23 10.48 -30.19 -38.79
N LEU B 24 11.66 -29.94 -38.29
CA LEU B 24 11.99 -28.62 -37.74
C LEU B 24 12.90 -27.83 -38.64
N LEU B 25 12.39 -26.74 -39.19
CA LEU B 25 13.21 -25.90 -40.06
C LEU B 25 13.54 -24.57 -39.47
N LEU B 26 14.82 -24.21 -39.61
CA LEU B 26 15.29 -22.87 -39.26
C LEU B 26 14.94 -21.95 -40.41
N VAL B 27 14.01 -21.02 -40.21
CA VAL B 27 13.68 -20.04 -41.26
C VAL B 27 13.98 -18.57 -40.82
N GLN B 28 14.84 -17.89 -41.60
CA GLN B 28 15.24 -16.49 -41.35
C GLN B 28 14.21 -15.51 -41.95
N PHE B 29 13.72 -14.53 -41.15
CA PHE B 29 12.70 -13.60 -41.62
C PHE B 29 13.23 -12.64 -42.68
N LEU B 30 12.34 -12.25 -43.58
CA LEU B 30 12.66 -11.32 -44.65
C LEU B 30 11.79 -10.06 -44.51
N ASP B 31 12.29 -8.95 -44.97
CA ASP B 31 11.52 -7.72 -44.84
C ASP B 31 10.66 -7.53 -46.10
N THR B 32 10.08 -6.35 -46.21
CA THR B 32 9.18 -6.02 -47.31
C THR B 32 9.92 -5.82 -48.62
N LYS B 33 11.24 -5.66 -48.57
CA LYS B 33 12.05 -5.53 -49.79
C LYS B 33 12.86 -6.81 -50.06
N GLY B 34 12.37 -7.93 -49.54
CA GLY B 34 13.02 -9.23 -49.70
C GLY B 34 14.37 -9.42 -49.02
N GLN B 35 14.67 -8.53 -48.08
CA GLN B 35 15.95 -8.58 -47.34
C GLN B 35 15.87 -9.37 -46.06
N PRO B 36 16.95 -10.09 -45.70
CA PRO B 36 16.97 -10.88 -44.48
C PRO B 36 17.07 -10.06 -43.18
N LEU B 37 16.18 -10.40 -42.25
CA LEU B 37 16.15 -9.76 -40.94
C LEU B 37 16.85 -10.68 -39.91
N GLU B 38 17.07 -10.14 -38.70
CA GLU B 38 17.69 -10.91 -37.61
C GLU B 38 16.68 -11.93 -37.13
N ARG B 39 15.44 -11.49 -37.03
CA ARG B 39 14.36 -12.37 -36.54
C ARG B 39 14.31 -13.68 -37.32
N TYR B 40 14.03 -14.75 -36.59
CA TYR B 40 13.95 -16.06 -37.22
C TYR B 40 12.95 -16.92 -36.44
N GLU B 41 12.67 -18.09 -36.95
CA GLU B 41 11.88 -19.06 -36.16
C GLU B 41 12.42 -20.47 -36.47
N VAL B 42 12.40 -21.36 -35.50
CA VAL B 42 12.62 -22.75 -35.80
C VAL B 42 11.15 -23.16 -35.82
N ALA B 43 10.67 -23.45 -37.04
CA ALA B 43 9.24 -23.84 -37.26
C ALA B 43 9.05 -25.21 -37.83
N GLY B 44 7.90 -25.79 -37.47
CA GLY B 44 7.48 -27.09 -37.94
C GLY B 44 7.03 -26.94 -39.38
N ASP B 45 7.35 -27.91 -40.21
CA ASP B 45 7.05 -27.75 -41.63
C ASP B 45 6.02 -28.77 -42.06
N VAL B 46 4.90 -28.28 -42.52
CA VAL B 46 3.78 -29.10 -42.94
C VAL B 46 3.60 -29.10 -44.46
N VAL B 47 4.42 -28.33 -45.15
CA VAL B 47 4.30 -28.20 -46.61
C VAL B 47 5.41 -28.80 -47.48
N GLY B 48 6.59 -28.98 -46.89
CA GLY B 48 7.72 -29.60 -47.59
C GLY B 48 8.70 -28.63 -48.22
N ALA B 49 9.12 -27.64 -47.47
CA ALA B 49 10.05 -26.61 -47.96
C ALA B 49 11.52 -27.03 -47.95
N GLY B 50 12.28 -26.47 -48.86
CA GLY B 50 13.69 -26.80 -48.98
C GLY B 50 14.59 -25.58 -48.86
N LEU B 51 15.90 -25.83 -48.74
CA LEU B 51 16.89 -24.78 -48.58
C LEU B 51 16.70 -23.64 -49.59
N ASN B 52 16.72 -22.42 -49.08
CA ASN B 52 16.58 -21.21 -49.91
C ASN B 52 15.25 -20.80 -50.46
N GLU B 53 14.28 -21.71 -50.35
CA GLU B 53 12.94 -21.40 -50.80
C GLU B 53 12.40 -20.31 -49.90
N TRP B 54 11.56 -19.42 -50.46
CA TRP B 54 10.80 -18.41 -49.70
C TRP B 54 9.49 -19.03 -49.26
N VAL B 55 9.17 -18.75 -47.99
CA VAL B 55 8.04 -19.38 -47.33
C VAL B 55 7.15 -18.43 -46.49
N LEU B 56 5.95 -18.93 -46.17
CA LEU B 56 5.03 -18.22 -45.32
C LEU B 56 5.10 -18.87 -43.97
N VAL B 57 5.33 -18.06 -42.92
CA VAL B 57 5.43 -18.55 -41.52
C VAL B 57 4.29 -18.01 -40.67
N ALA B 58 3.46 -18.94 -40.20
CA ALA B 58 2.41 -18.62 -39.23
C ALA B 58 2.97 -18.61 -37.75
N ARG B 59 2.65 -17.59 -36.96
CA ARG B 59 3.17 -17.53 -35.58
C ARG B 59 2.12 -17.65 -34.50
N GLY B 60 2.57 -17.96 -33.31
CA GLY B 60 1.61 -18.09 -32.21
C GLY B 60 0.78 -19.34 -32.40
N SER B 61 -0.41 -19.30 -31.81
CA SER B 61 -1.39 -20.35 -31.84
C SER B 61 -1.87 -20.79 -33.21
N ALA B 62 -1.58 -19.99 -34.24
CA ALA B 62 -1.97 -20.23 -35.63
C ALA B 62 -1.23 -21.49 -36.07
N ALA B 63 0.01 -21.58 -35.56
CA ALA B 63 0.91 -22.69 -35.90
C ALA B 63 0.36 -24.03 -35.44
N ARG B 64 -0.72 -24.02 -34.68
CA ARG B 64 -1.28 -25.32 -34.21
C ARG B 64 -2.63 -25.59 -34.82
N LYS B 65 -2.91 -24.96 -35.95
CA LYS B 65 -4.21 -25.17 -36.58
C LYS B 65 -4.18 -26.07 -37.83
N GLU B 66 -3.26 -27.02 -37.85
CA GLU B 66 -3.22 -28.07 -38.89
C GLU B 66 -3.87 -29.37 -38.38
N ARG B 67 -4.35 -30.21 -39.27
CA ARG B 67 -5.02 -31.45 -38.85
C ARG B 67 -4.55 -32.08 -37.53
N GLY B 68 -3.28 -32.45 -37.41
CA GLY B 68 -2.82 -33.13 -36.18
C GLY B 68 -1.81 -32.36 -35.34
N ASN B 69 -1.95 -31.05 -35.28
CA ASN B 69 -0.97 -30.26 -34.56
C ASN B 69 -1.50 -29.48 -33.39
N GLY B 70 -2.73 -29.79 -33.00
CA GLY B 70 -3.43 -29.05 -31.95
C GLY B 70 -2.85 -29.11 -30.54
N ASP B 71 -2.23 -30.26 -30.26
CA ASP B 71 -1.65 -30.56 -28.95
C ASP B 71 -0.12 -30.53 -28.97
N ARG B 72 0.45 -29.92 -30.00
CA ARG B 72 1.91 -29.86 -30.10
C ARG B 72 2.44 -28.52 -29.68
N PRO B 73 3.62 -28.48 -29.06
CA PRO B 73 4.16 -27.17 -28.63
C PRO B 73 4.70 -26.26 -29.73
N LEU B 74 3.92 -26.06 -30.78
CA LEU B 74 4.48 -25.20 -31.89
C LEU B 74 4.07 -23.78 -31.83
N ASP B 75 5.13 -22.97 -31.89
CA ASP B 75 4.95 -21.53 -31.88
C ASP B 75 5.11 -20.89 -33.27
N ALA B 76 5.56 -21.67 -34.25
CA ALA B 76 5.82 -21.19 -35.62
C ALA B 76 5.59 -22.40 -36.52
N MET B 77 4.94 -22.16 -37.67
CA MET B 77 4.66 -23.25 -38.59
C MET B 77 4.82 -22.71 -40.02
N VAL B 78 5.55 -23.43 -40.86
CA VAL B 78 5.68 -23.07 -42.30
C VAL B 78 4.37 -23.59 -42.95
N VAL B 79 3.52 -22.64 -43.35
CA VAL B 79 2.20 -23.02 -43.88
C VAL B 79 2.10 -22.86 -45.42
N GLY B 80 3.17 -22.34 -46.02
CA GLY B 80 3.23 -22.30 -47.48
C GLY B 80 4.55 -21.89 -48.13
N ILE B 81 4.68 -22.26 -49.41
CA ILE B 81 5.83 -21.85 -50.23
C ILE B 81 5.38 -20.73 -51.17
N ILE B 82 6.20 -19.69 -51.25
CA ILE B 82 5.86 -18.51 -52.00
C ILE B 82 6.30 -18.62 -53.45
N ASP B 83 5.35 -18.44 -54.38
CA ASP B 83 5.63 -18.41 -55.82
C ASP B 83 6.05 -17.02 -56.21
N THR B 84 5.23 -16.06 -55.83
CA THR B 84 5.49 -14.67 -56.16
C THR B 84 4.95 -13.64 -55.16
N VAL B 85 5.70 -12.55 -55.05
CA VAL B 85 5.32 -11.41 -54.25
C VAL B 85 5.28 -10.21 -55.18
N ASN B 86 4.08 -9.67 -55.38
CA ASN B 86 3.86 -8.56 -56.29
C ASN B 86 3.56 -7.23 -55.60
N VAL B 87 4.38 -6.23 -55.89
CA VAL B 87 4.23 -4.89 -55.35
C VAL B 87 3.82 -3.91 -56.45
N ALA B 88 3.81 -2.61 -56.14
CA ALA B 88 3.44 -1.55 -57.10
C ALA B 88 4.49 -1.39 -58.20
N SER B 89 5.76 -1.54 -57.81
CA SER B 89 6.88 -1.46 -58.74
C SER B 89 6.84 -2.62 -59.72
N GLY B 90 6.29 -3.73 -59.25
CA GLY B 90 6.19 -4.95 -60.04
C GLY B 90 6.43 -6.14 -59.15
N SER B 91 7.04 -7.18 -59.69
CA SER B 91 7.33 -8.40 -58.96
C SER B 91 8.55 -8.20 -58.07
N LEU B 92 8.38 -8.48 -56.78
CA LEU B 92 9.46 -8.37 -55.80
C LEU B 92 10.21 -9.68 -55.75
N TYR B 93 9.48 -10.77 -56.01
CA TYR B 93 10.04 -12.12 -56.03
C TYR B 93 9.18 -13.02 -56.91
N ASN B 94 9.88 -13.84 -57.69
CA ASN B 94 9.28 -14.83 -58.57
C ASN B 94 10.16 -16.06 -58.37
N LYS B 95 9.59 -17.18 -57.97
CA LYS B 95 10.42 -18.38 -57.74
C LYS B 95 11.12 -18.89 -59.02
N ARG B 96 10.51 -18.62 -60.18
CA ARG B 96 11.01 -19.07 -61.48
C ARG B 96 11.90 -18.01 -62.13
N MET C 1 -4.96 -3.31 -33.05
CA MET C 1 -5.03 -3.46 -34.55
CA MET C 1 -4.92 -3.52 -34.50
C MET C 1 -3.94 -2.44 -34.93
N GLN C 2 -3.33 -2.64 -36.09
CA GLN C 2 -2.34 -1.72 -36.62
C GLN C 2 -2.77 -1.00 -37.88
N LEU C 3 -2.34 0.25 -38.00
CA LEU C 3 -2.60 0.97 -39.24
C LEU C 3 -1.54 0.44 -40.20
N ALA C 4 -1.98 0.06 -41.41
CA ALA C 4 -1.12 -0.49 -42.45
C ALA C 4 -1.58 -0.03 -43.83
N LYS C 5 -0.68 -0.13 -44.80
CA LYS C 5 -0.93 0.24 -46.19
C LYS C 5 -0.70 -1.02 -47.04
N VAL C 6 -1.58 -1.23 -48.02
CA VAL C 6 -1.46 -2.42 -48.83
C VAL C 6 -0.39 -2.25 -49.87
N LEU C 7 0.62 -3.10 -49.78
CA LEU C 7 1.76 -3.11 -50.72
C LEU C 7 1.58 -3.96 -51.98
N GLY C 8 1.00 -5.14 -51.80
CA GLY C 8 0.75 -6.06 -52.89
C GLY C 8 0.06 -7.33 -52.47
N THR C 9 0.23 -8.38 -53.24
CA THR C 9 -0.37 -9.68 -52.96
C THR C 9 0.70 -10.78 -52.97
N VAL C 10 0.42 -11.84 -52.23
CA VAL C 10 1.31 -12.99 -52.12
C VAL C 10 0.61 -14.21 -52.71
N VAL C 11 1.24 -14.83 -53.70
CA VAL C 11 0.71 -16.00 -54.33
C VAL C 11 1.51 -17.19 -53.85
N SER C 12 0.80 -18.19 -53.35
CA SER C 12 1.42 -19.39 -52.88
C SER C 12 0.49 -20.50 -53.35
N THR C 13 1.05 -21.49 -54.06
CA THR C 13 0.27 -22.62 -54.53
C THR C 13 0.55 -23.88 -53.72
N SER C 14 1.78 -24.03 -53.23
CA SER C 14 2.10 -25.17 -52.36
C SER C 14 1.92 -24.68 -50.92
N LYS C 15 0.73 -24.99 -50.39
CA LYS C 15 0.31 -24.55 -49.07
C LYS C 15 -0.67 -25.49 -48.36
N THR C 16 -0.89 -25.21 -47.08
CA THR C 16 -1.77 -26.04 -46.26
C THR C 16 -3.20 -25.88 -46.72
N PRO C 17 -3.99 -26.96 -46.69
CA PRO C 17 -5.39 -26.99 -47.15
C PRO C 17 -6.33 -26.00 -46.46
N ASN C 18 -5.92 -25.55 -45.28
CA ASN C 18 -6.69 -24.57 -44.51
C ASN C 18 -6.41 -23.15 -44.94
N LEU C 19 -5.52 -23.01 -45.92
CA LEU C 19 -5.16 -21.68 -46.39
C LEU C 19 -5.67 -21.51 -47.81
N THR C 20 -6.51 -22.46 -48.22
CA THR C 20 -7.08 -22.48 -49.56
C THR C 20 -8.32 -21.60 -49.52
N GLY C 21 -8.41 -20.67 -50.47
CA GLY C 21 -9.52 -19.70 -50.49
C GLY C 21 -9.23 -18.44 -49.69
N VAL C 22 -8.02 -18.30 -49.18
CA VAL C 22 -7.65 -17.11 -48.45
C VAL C 22 -6.86 -16.14 -49.34
N LYS C 23 -7.33 -14.91 -49.52
CA LYS C 23 -6.58 -13.92 -50.29
C LYS C 23 -5.49 -13.40 -49.39
N LEU C 24 -4.24 -13.45 -49.83
CA LEU C 24 -3.08 -13.06 -49.03
C LEU C 24 -2.50 -11.74 -49.46
N LEU C 25 -2.59 -10.77 -48.56
CA LEU C 25 -2.10 -9.44 -48.82
C LEU C 25 -0.90 -9.11 -48.00
N LEU C 26 0.10 -8.52 -48.67
CA LEU C 26 1.29 -7.98 -48.01
C LEU C 26 0.95 -6.56 -47.61
N VAL C 27 0.83 -6.35 -46.30
CA VAL C 27 0.47 -5.05 -45.73
C VAL C 27 1.57 -4.52 -44.83
N GLN C 28 2.13 -3.37 -45.20
CA GLN C 28 3.21 -2.70 -44.48
C GLN C 28 2.66 -1.82 -43.36
N PHE C 29 3.18 -2.00 -42.14
CA PHE C 29 2.69 -1.21 -41.01
C PHE C 29 3.10 0.29 -41.14
N LEU C 30 2.23 1.12 -40.56
CA LEU C 30 2.37 2.56 -40.50
C LEU C 30 2.42 3.01 -39.04
N ASP C 31 3.13 4.10 -38.75
CA ASP C 31 3.21 4.58 -37.39
C ASP C 31 2.08 5.59 -37.09
N THR C 32 2.13 6.22 -35.91
CA THR C 32 1.11 7.18 -35.49
C THR C 32 1.15 8.52 -36.30
N LYS C 33 2.19 8.74 -37.11
CA LYS C 33 2.24 9.92 -37.97
C LYS C 33 1.97 9.53 -39.44
N GLY C 34 1.37 8.37 -39.66
CA GLY C 34 1.08 7.87 -41.02
C GLY C 34 2.29 7.46 -41.85
N GLN C 35 3.43 7.27 -41.18
CA GLN C 35 4.68 6.97 -41.84
C GLN C 35 4.95 5.46 -41.82
N PRO C 36 5.53 4.92 -42.91
CA PRO C 36 5.81 3.51 -43.09
C PRO C 36 6.89 2.94 -42.18
N LEU C 37 6.58 1.81 -41.56
CA LEU C 37 7.49 1.10 -40.68
C LEU C 37 8.12 -0.07 -41.42
N GLU C 38 9.09 -0.73 -40.80
CA GLU C 38 9.66 -1.92 -41.43
C GLU C 38 8.78 -3.13 -41.13
N ARG C 39 8.16 -3.15 -39.95
CA ARG C 39 7.22 -4.22 -39.63
C ARG C 39 6.14 -4.31 -40.71
N TYR C 40 5.73 -5.56 -40.98
CA TYR C 40 4.72 -5.82 -41.98
C TYR C 40 4.06 -7.11 -41.60
N GLU C 41 3.03 -7.49 -42.34
CA GLU C 41 2.40 -8.80 -42.23
C GLU C 41 1.87 -9.29 -43.58
N VAL C 42 1.94 -10.60 -43.82
CA VAL C 42 1.23 -11.19 -44.93
C VAL C 42 -0.07 -11.56 -44.25
N ALA C 43 -1.12 -10.81 -44.58
CA ALA C 43 -2.41 -10.99 -43.94
C ALA C 43 -3.48 -11.58 -44.85
N GLY C 44 -4.42 -12.29 -44.26
CA GLY C 44 -5.58 -12.70 -45.04
C GLY C 44 -6.49 -11.46 -45.19
N ASP C 45 -7.29 -11.43 -46.25
CA ASP C 45 -8.16 -10.29 -46.50
C ASP C 45 -9.59 -10.74 -46.55
N VAL C 46 -10.39 -10.23 -45.65
CA VAL C 46 -11.80 -10.61 -45.48
C VAL C 46 -12.70 -9.41 -45.77
N VAL C 47 -12.09 -8.28 -46.11
CA VAL C 47 -12.80 -7.04 -46.41
C VAL C 47 -12.71 -6.54 -47.86
N GLY C 48 -11.71 -6.98 -48.63
CA GLY C 48 -11.59 -6.55 -50.02
C GLY C 48 -10.76 -5.29 -50.24
N ALA C 49 -9.58 -5.24 -49.63
CA ALA C 49 -8.69 -4.08 -49.74
C ALA C 49 -7.81 -4.08 -51.01
N GLY C 50 -7.47 -2.88 -51.47
CA GLY C 50 -6.66 -2.69 -52.67
C GLY C 50 -5.35 -1.93 -52.47
N LEU C 51 -4.52 -2.00 -53.50
CA LEU C 51 -3.20 -1.34 -53.52
C LEU C 51 -3.25 0.08 -52.96
N ASN C 52 -2.35 0.37 -52.02
CA ASN C 52 -2.16 1.68 -51.37
C ASN C 52 -3.24 2.13 -50.37
N GLU C 53 -4.30 1.32 -50.24
CA GLU C 53 -5.40 1.63 -49.33
C GLU C 53 -4.85 1.45 -47.93
N TRP C 54 -5.33 2.27 -46.98
CA TRP C 54 -5.02 2.17 -45.55
C TRP C 54 -5.96 1.17 -44.91
N VAL C 55 -5.41 0.30 -44.08
CA VAL C 55 -6.15 -0.79 -43.50
C VAL C 55 -5.88 -1.04 -42.01
N LEU C 56 -6.84 -1.72 -41.36
CA LEU C 56 -6.66 -2.14 -39.98
C LEU C 56 -6.34 -3.61 -39.99
N VAL C 57 -5.22 -3.93 -39.33
CA VAL C 57 -4.69 -5.30 -39.24
C VAL C 57 -4.79 -5.89 -37.81
N ALA C 58 -5.58 -6.96 -37.66
CA ALA C 58 -5.72 -7.70 -36.41
C ALA C 58 -4.64 -8.78 -36.33
N ARG C 59 -3.89 -8.83 -35.23
CA ARG C 59 -2.80 -9.81 -35.06
C ARG C 59 -3.12 -10.92 -34.10
N GLY C 60 -2.46 -12.04 -34.31
CA GLY C 60 -2.53 -13.21 -33.42
C GLY C 60 -3.83 -13.90 -33.57
N SER C 61 -4.36 -14.48 -32.49
CA SER C 61 -5.63 -15.23 -32.53
C SER C 61 -6.85 -14.44 -32.88
N ALA C 62 -6.68 -13.11 -32.91
CA ALA C 62 -7.76 -12.18 -33.28
C ALA C 62 -8.08 -12.36 -34.77
N ALA C 63 -7.04 -12.70 -35.52
CA ALA C 63 -7.09 -12.91 -36.97
C ALA C 63 -7.88 -14.15 -37.41
N ARG C 64 -8.30 -14.97 -36.45
CA ARG C 64 -9.12 -16.17 -36.71
C ARG C 64 -10.54 -16.08 -36.20
N LYS C 65 -11.00 -14.86 -35.90
CA LYS C 65 -12.33 -14.68 -35.33
C LYS C 65 -13.41 -14.28 -36.34
N GLU C 66 -13.27 -14.62 -37.61
CA GLU C 66 -14.38 -14.34 -38.54
C GLU C 66 -15.06 -15.65 -38.91
N ARG C 67 -16.27 -15.55 -39.43
CA ARG C 67 -17.13 -16.70 -39.75
C ARG C 67 -16.38 -18.02 -39.98
N GLY C 68 -15.66 -18.14 -41.10
CA GLY C 68 -14.98 -19.40 -41.46
C GLY C 68 -13.48 -19.43 -41.30
N ASN C 69 -12.92 -18.70 -40.34
CA ASN C 69 -11.46 -18.68 -40.18
C ASN C 69 -10.93 -19.33 -38.91
N GLY C 70 -11.78 -20.02 -38.17
CA GLY C 70 -11.39 -20.58 -36.86
C GLY C 70 -10.36 -21.68 -36.86
N ASP C 71 -10.26 -22.40 -37.98
CA ASP C 71 -9.30 -23.47 -38.13
C ASP C 71 -8.19 -23.19 -39.12
N ARG C 72 -7.96 -21.92 -39.44
CA ARG C 72 -6.96 -21.56 -40.43
C ARG C 72 -5.71 -21.09 -39.73
N PRO C 73 -4.55 -21.32 -40.34
CA PRO C 73 -3.34 -20.91 -39.67
C PRO C 73 -2.99 -19.40 -39.87
N LEU C 74 -3.98 -18.56 -39.55
CA LEU C 74 -3.89 -17.11 -39.70
C LEU C 74 -3.43 -16.34 -38.47
N ASP C 75 -2.34 -15.59 -38.70
CA ASP C 75 -1.71 -14.68 -37.77
C ASP C 75 -2.08 -13.21 -37.83
N ALA C 76 -2.58 -12.84 -39.00
CA ALA C 76 -2.82 -11.45 -39.35
C ALA C 76 -3.99 -11.50 -40.31
N MET C 77 -4.96 -10.62 -40.07
CA MET C 77 -6.17 -10.52 -40.88
C MET C 77 -6.50 -9.02 -41.07
N VAL C 78 -6.80 -8.64 -42.30
CA VAL C 78 -7.18 -7.27 -42.63
C VAL C 78 -8.66 -7.22 -42.36
N VAL C 79 -9.01 -6.52 -41.27
CA VAL C 79 -10.41 -6.47 -40.77
C VAL C 79 -11.19 -5.20 -41.10
N GLY C 80 -10.51 -4.23 -41.67
CA GLY C 80 -11.19 -3.02 -42.08
C GLY C 80 -10.37 -2.03 -42.90
N ILE C 81 -11.07 -1.27 -43.74
CA ILE C 81 -10.46 -0.22 -44.58
C ILE C 81 -10.66 1.09 -43.84
N ILE C 82 -9.59 1.87 -43.69
CA ILE C 82 -9.67 3.12 -42.94
C ILE C 82 -10.12 4.30 -43.80
N ASP C 83 -11.20 4.96 -43.35
CA ASP C 83 -11.74 6.16 -43.98
C ASP C 83 -10.93 7.35 -43.50
N THR C 84 -10.86 7.48 -42.18
CA THR C 84 -10.18 8.61 -41.61
C THR C 84 -9.53 8.29 -40.26
N VAL C 85 -8.41 8.95 -39.99
CA VAL C 85 -7.71 8.90 -38.69
C VAL C 85 -7.64 10.33 -38.20
N ASN C 86 -8.31 10.62 -37.09
CA ASN C 86 -8.41 11.97 -36.53
C ASN C 86 -7.63 12.15 -35.24
N VAL C 87 -6.68 13.09 -35.26
CA VAL C 87 -5.83 13.42 -34.10
C VAL C 87 -6.20 14.80 -33.53
N ALA C 88 -5.43 15.31 -32.58
CA ALA C 88 -5.69 16.63 -31.96
C ALA C 88 -5.43 17.77 -32.93
N SER C 89 -4.40 17.59 -33.77
CA SER C 89 -4.02 18.57 -34.77
C SER C 89 -5.07 18.65 -35.87
N GLY C 90 -5.79 17.55 -36.05
CA GLY C 90 -6.84 17.44 -37.05
C GLY C 90 -6.81 16.06 -37.69
N SER C 91 -7.20 16.02 -38.95
CA SER C 91 -7.22 14.77 -39.68
C SER C 91 -5.80 14.39 -40.11
N LEU C 92 -5.37 13.18 -39.75
CA LEU C 92 -4.06 12.61 -40.07
C LEU C 92 -4.17 11.90 -41.42
N TYR C 93 -5.36 11.38 -41.69
CA TYR C 93 -5.65 10.72 -42.96
C TYR C 93 -7.12 10.80 -43.26
N ASN C 94 -7.39 11.04 -44.54
CA ASN C 94 -8.74 11.10 -45.08
C ASN C 94 -8.62 10.43 -46.45
N LYS C 95 -9.34 9.32 -46.62
CA LYS C 95 -9.34 8.50 -47.83
C LYS C 95 -9.71 9.34 -49.09
N MET D 1 -0.79 -5.34 -19.20
CA MET D 1 -1.35 -4.13 -19.89
C MET D 1 -0.33 -3.08 -20.03
N GLN D 2 -0.59 -2.19 -21.00
CA GLN D 2 0.34 -1.07 -21.22
C GLN D 2 -0.28 0.29 -20.87
N LEU D 3 0.57 1.23 -20.47
CA LEU D 3 0.15 2.60 -20.22
C LEU D 3 0.10 3.17 -21.60
N ALA D 4 -0.94 3.93 -21.92
CA ALA D 4 -1.13 4.56 -23.24
C ALA D 4 -1.92 5.84 -23.09
N LYS D 5 -1.74 6.71 -24.08
CA LYS D 5 -2.36 8.03 -24.16
C LYS D 5 -3.23 8.10 -25.42
N VAL D 6 -4.46 8.58 -25.27
CA VAL D 6 -5.39 8.60 -26.38
C VAL D 6 -4.98 9.71 -27.31
N LEU D 7 -4.73 9.32 -28.54
CA LEU D 7 -4.31 10.23 -29.60
C LEU D 7 -5.47 10.74 -30.46
N GLY D 8 -6.38 9.84 -30.78
CA GLY D 8 -7.54 10.14 -31.60
C GLY D 8 -8.46 8.96 -31.84
N THR D 9 -9.29 9.07 -32.89
CA THR D 9 -10.28 8.06 -33.28
C THR D 9 -10.01 7.57 -34.70
N VAL D 10 -10.34 6.31 -34.95
CA VAL D 10 -10.19 5.70 -36.26
C VAL D 10 -11.58 5.35 -36.80
N VAL D 11 -11.91 5.88 -37.96
CA VAL D 11 -13.18 5.60 -38.54
C VAL D 11 -12.94 4.68 -39.73
N SER D 12 -13.69 3.58 -39.74
CA SER D 12 -13.65 2.61 -40.80
C SER D 12 -15.08 2.22 -41.08
N THR D 13 -15.52 2.36 -42.33
CA THR D 13 -16.90 2.01 -42.72
C THR D 13 -16.89 0.67 -43.44
N SER D 14 -15.86 0.40 -44.24
CA SER D 14 -15.75 -0.89 -44.90
C SER D 14 -14.94 -1.81 -43.96
N LYS D 15 -15.67 -2.64 -43.24
CA LYS D 15 -15.09 -3.52 -42.24
C LYS D 15 -15.95 -4.74 -41.94
N THR D 16 -15.34 -5.64 -41.16
CA THR D 16 -15.88 -6.94 -40.79
C THR D 16 -17.13 -6.73 -39.90
N PRO D 17 -18.21 -7.53 -40.08
CA PRO D 17 -19.46 -7.38 -39.29
C PRO D 17 -19.31 -7.50 -37.77
N ASN D 18 -18.24 -8.15 -37.35
CA ASN D 18 -17.89 -8.34 -35.94
C ASN D 18 -17.20 -7.11 -35.36
N LEU D 19 -16.97 -6.12 -36.20
CA LEU D 19 -16.36 -4.89 -35.72
C LEU D 19 -17.37 -3.72 -35.70
N THR D 20 -18.63 -4.07 -35.96
CA THR D 20 -19.71 -3.11 -36.02
C THR D 20 -20.17 -2.82 -34.59
N GLY D 21 -20.19 -1.54 -34.25
CA GLY D 21 -20.51 -1.11 -32.91
C GLY D 21 -19.28 -0.95 -32.02
N VAL D 22 -18.08 -1.22 -32.54
CA VAL D 22 -16.90 -1.02 -31.68
C VAL D 22 -16.23 0.35 -31.96
N LYS D 23 -16.07 1.11 -30.89
CA LYS D 23 -15.43 2.38 -30.94
C LYS D 23 -13.94 2.09 -31.07
N LEU D 24 -13.29 2.67 -32.06
CA LEU D 24 -11.88 2.44 -32.32
C LEU D 24 -11.04 3.63 -31.95
N LEU D 25 -10.11 3.43 -31.05
CA LEU D 25 -9.22 4.50 -30.60
C LEU D 25 -7.80 4.22 -30.90
N LEU D 26 -7.11 5.24 -31.41
CA LEU D 26 -5.69 5.26 -31.59
C LEU D 26 -5.06 5.62 -30.26
N VAL D 27 -4.42 4.65 -29.61
CA VAL D 27 -3.72 4.88 -28.34
C VAL D 27 -2.18 4.69 -28.49
N GLN D 28 -1.42 5.75 -28.27
CA GLN D 28 0.04 5.67 -28.35
C GLN D 28 0.58 5.18 -27.01
N PHE D 29 1.52 4.23 -27.05
CA PHE D 29 2.08 3.64 -25.84
C PHE D 29 3.02 4.61 -25.12
N LEU D 30 3.04 4.44 -23.78
CA LEU D 30 3.86 5.23 -22.89
C LEU D 30 4.88 4.35 -22.21
N ASP D 31 6.06 4.90 -21.91
CA ASP D 31 7.05 4.10 -21.18
C ASP D 31 6.84 4.23 -19.66
N THR D 32 7.81 3.72 -18.94
CA THR D 32 7.81 3.71 -17.47
C THR D 32 8.00 5.11 -16.84
N LYS D 33 8.48 6.08 -17.62
CA LYS D 33 8.63 7.48 -17.16
C LYS D 33 7.57 8.40 -17.76
N GLY D 34 6.48 7.81 -18.21
CA GLY D 34 5.36 8.55 -18.79
C GLY D 34 5.65 9.18 -20.14
N GLN D 35 6.68 8.68 -20.80
CA GLN D 35 7.09 9.19 -22.11
C GLN D 35 6.52 8.39 -23.27
N PRO D 36 6.19 9.09 -24.37
CA PRO D 36 5.59 8.48 -25.55
C PRO D 36 6.52 7.60 -26.37
N LEU D 37 6.06 6.39 -26.63
CA LEU D 37 6.81 5.43 -27.42
C LEU D 37 6.30 5.47 -28.86
N GLU D 38 6.99 4.77 -29.75
CA GLU D 38 6.60 4.66 -31.16
C GLU D 38 5.47 3.60 -31.25
N ARG D 39 5.57 2.56 -30.42
CA ARG D 39 4.54 1.52 -30.36
C ARG D 39 3.18 2.18 -30.11
N TYR D 40 2.14 1.61 -30.72
CA TYR D 40 0.77 2.07 -30.54
C TYR D 40 -0.16 0.91 -30.81
N GLU D 41 -1.45 1.16 -30.64
CA GLU D 41 -2.48 0.21 -31.02
C GLU D 41 -3.77 0.95 -31.39
N VAL D 42 -4.45 0.45 -32.40
CA VAL D 42 -5.77 0.90 -32.64
C VAL D 42 -6.56 -0.11 -31.78
N ALA D 43 -7.12 0.41 -30.69
CA ALA D 43 -7.85 -0.43 -29.74
C ALA D 43 -9.32 -0.17 -29.71
N GLY D 44 -10.07 -1.21 -29.37
CA GLY D 44 -11.50 -0.98 -29.14
C GLY D 44 -11.65 -0.34 -27.76
N ASP D 45 -12.69 0.46 -27.55
CA ASP D 45 -12.84 1.11 -26.24
C ASP D 45 -14.17 0.68 -25.58
N VAL D 46 -14.06 0.13 -24.40
CA VAL D 46 -15.18 -0.41 -23.67
C VAL D 46 -15.39 0.35 -22.35
N VAL D 47 -14.61 1.43 -22.19
CA VAL D 47 -14.61 2.26 -20.98
C VAL D 47 -15.05 3.74 -21.18
N GLY D 48 -14.91 4.23 -22.40
CA GLY D 48 -15.31 5.61 -22.70
C GLY D 48 -14.19 6.61 -22.48
N ALA D 49 -13.00 6.31 -23.01
CA ALA D 49 -11.84 7.19 -22.93
C ALA D 49 -11.82 8.32 -23.98
N GLY D 50 -11.18 9.43 -23.64
CA GLY D 50 -11.09 10.57 -24.54
C GLY D 50 -9.70 11.11 -24.75
N LEU D 51 -9.61 12.09 -25.64
CA LEU D 51 -8.32 12.67 -26.03
C LEU D 51 -7.42 13.01 -24.85
N ASN D 52 -6.17 12.61 -24.97
CA ASN D 52 -5.13 12.91 -23.97
C ASN D 52 -5.24 12.21 -22.62
N GLU D 53 -6.29 11.42 -22.42
CA GLU D 53 -6.41 10.64 -21.20
C GLU D 53 -5.38 9.53 -21.26
N TRP D 54 -4.88 9.13 -20.08
CA TRP D 54 -4.01 7.97 -19.91
C TRP D 54 -4.89 6.77 -19.66
N VAL D 55 -4.49 5.66 -20.29
CA VAL D 55 -5.29 4.47 -20.27
C VAL D 55 -4.51 3.17 -20.15
N LEU D 56 -5.25 2.13 -19.78
CA LEU D 56 -4.76 0.76 -19.69
C LEU D 56 -5.19 -0.02 -20.91
N VAL D 57 -4.19 -0.55 -21.62
CA VAL D 57 -4.41 -1.31 -22.85
C VAL D 57 -4.06 -2.80 -22.67
N ALA D 58 -5.08 -3.65 -22.85
CA ALA D 58 -5.00 -5.13 -22.87
C ALA D 58 -4.72 -5.65 -24.29
N ARG D 59 -3.63 -6.40 -24.48
CA ARG D 59 -3.27 -6.96 -25.79
C ARG D 59 -3.52 -8.44 -25.95
N GLY D 60 -3.67 -8.82 -27.21
CA GLY D 60 -3.84 -10.21 -27.56
C GLY D 60 -5.23 -10.66 -27.18
N SER D 61 -5.39 -11.94 -26.88
CA SER D 61 -6.68 -12.51 -26.64
C SER D 61 -7.36 -11.99 -25.37
N ALA D 62 -6.60 -11.15 -24.61
CA ALA D 62 -7.12 -10.50 -23.38
C ALA D 62 -8.16 -9.49 -23.80
N ALA D 63 -7.95 -8.92 -24.98
CA ALA D 63 -8.79 -7.89 -25.55
C ALA D 63 -10.17 -8.39 -25.95
N ARG D 64 -10.41 -9.70 -25.90
CA ARG D 64 -11.71 -10.19 -26.24
C ARG D 64 -12.41 -10.83 -25.05
N LYS D 65 -11.96 -10.48 -23.84
CA LYS D 65 -12.61 -11.03 -22.62
C LYS D 65 -13.65 -10.16 -21.94
N GLU D 66 -14.35 -9.33 -22.70
CA GLU D 66 -15.49 -8.60 -22.13
C GLU D 66 -16.81 -9.13 -22.65
N ARG D 67 -17.90 -8.81 -21.93
CA ARG D 67 -19.19 -9.43 -22.21
C ARG D 67 -19.46 -9.86 -23.66
N GLY D 68 -19.56 -8.92 -24.58
CA GLY D 68 -19.87 -9.30 -25.97
C GLY D 68 -18.75 -9.21 -26.99
N ASN D 69 -17.51 -9.38 -26.54
CA ASN D 69 -16.37 -9.23 -27.43
C ASN D 69 -15.63 -10.51 -27.82
N GLY D 70 -16.16 -11.66 -27.45
CA GLY D 70 -15.48 -12.92 -27.65
C GLY D 70 -15.25 -13.37 -29.08
N ASP D 71 -16.06 -12.85 -30.00
CA ASP D 71 -15.97 -13.25 -31.41
C ASP D 71 -15.55 -12.12 -32.31
N ARG D 72 -15.03 -11.10 -31.68
CA ARG D 72 -14.65 -9.92 -32.43
C ARG D 72 -13.16 -9.99 -32.69
N PRO D 73 -12.72 -9.61 -33.89
CA PRO D 73 -11.29 -9.64 -34.13
C PRO D 73 -10.50 -8.54 -33.44
N LEU D 74 -10.62 -8.43 -32.13
CA LEU D 74 -9.84 -7.41 -31.40
C LEU D 74 -8.55 -7.92 -30.73
N ASP D 75 -7.52 -7.21 -31.11
CA ASP D 75 -6.13 -7.30 -30.67
C ASP D 75 -5.73 -6.54 -29.42
N ALA D 76 -6.46 -5.44 -29.23
CA ALA D 76 -6.14 -4.43 -28.27
C ALA D 76 -7.46 -3.87 -27.79
N MET D 77 -7.60 -3.73 -26.47
CA MET D 77 -8.78 -3.22 -25.78
C MET D 77 -8.40 -2.17 -24.75
N VAL D 78 -9.06 -1.02 -24.73
CA VAL D 78 -8.81 -0.02 -23.69
C VAL D 78 -9.70 -0.47 -22.58
N VAL D 79 -9.11 -1.00 -21.52
CA VAL D 79 -9.83 -1.62 -20.37
C VAL D 79 -9.90 -0.79 -19.07
N GLY D 80 -9.33 0.40 -19.11
CA GLY D 80 -9.47 1.31 -18.01
C GLY D 80 -8.79 2.65 -18.20
N ILE D 81 -9.26 3.64 -17.46
CA ILE D 81 -8.69 4.97 -17.47
C ILE D 81 -7.85 5.12 -16.23
N ILE D 82 -6.65 5.68 -16.37
CA ILE D 82 -5.72 5.76 -15.25
C ILE D 82 -5.92 7.01 -14.39
N ASP D 83 -6.06 6.83 -13.09
CA ASP D 83 -6.19 7.96 -12.14
C ASP D 83 -4.79 8.36 -11.71
N THR D 84 -4.05 7.37 -11.22
CA THR D 84 -2.68 7.63 -10.75
C THR D 84 -1.73 6.47 -11.06
N VAL D 85 -0.47 6.85 -11.25
CA VAL D 85 0.59 5.88 -11.34
C VAL D 85 1.64 6.35 -10.34
N ASN D 86 1.85 5.53 -9.31
CA ASN D 86 2.73 5.79 -8.16
C ASN D 86 4.02 4.97 -8.17
N VAL D 87 5.16 5.66 -8.14
CA VAL D 87 6.49 5.03 -8.12
C VAL D 87 7.19 5.33 -6.76
N ALA D 88 8.47 4.94 -6.62
CA ALA D 88 9.23 5.14 -5.38
C ALA D 88 9.54 6.62 -5.14
N SER D 89 9.77 7.37 -6.22
CA SER D 89 10.00 8.82 -6.13
C SER D 89 8.74 9.56 -5.75
N GLY D 90 7.59 8.95 -6.05
CA GLY D 90 6.28 9.50 -5.74
C GLY D 90 5.34 9.29 -6.91
N SER D 91 4.40 10.21 -7.08
CA SER D 91 3.43 10.11 -8.17
C SER D 91 4.06 10.44 -9.52
N LEU D 92 3.93 9.52 -10.46
CA LEU D 92 4.43 9.69 -11.82
C LEU D 92 3.35 10.39 -12.66
N TYR D 93 2.10 10.10 -12.32
CA TYR D 93 0.93 10.72 -12.94
C TYR D 93 -0.26 10.75 -11.98
N ASN D 94 -0.96 11.88 -12.01
CA ASN D 94 -2.23 12.06 -11.30
C ASN D 94 -3.12 12.78 -12.29
N LYS D 95 -4.28 12.23 -12.59
CA LYS D 95 -5.14 12.85 -13.59
C LYS D 95 -5.64 14.23 -13.15
N ARG D 96 -5.61 14.53 -11.85
CA ARG D 96 -6.00 15.84 -11.30
C ARG D 96 -4.81 16.80 -11.19
N MET E 1 8.37 -16.78 -19.02
CA MET E 1 8.16 -15.68 -18.01
C MET E 1 9.37 -14.76 -17.97
N GLN E 2 9.10 -13.55 -17.51
CA GLN E 2 10.11 -12.53 -17.46
C GLN E 2 10.47 -12.13 -16.06
N LEU E 3 11.75 -11.81 -15.90
CA LEU E 3 12.27 -11.33 -14.64
C LEU E 3 11.84 -9.90 -14.71
N ALA E 4 11.32 -9.37 -13.61
CA ALA E 4 10.90 -7.95 -13.52
C ALA E 4 10.99 -7.43 -12.07
N LYS E 5 10.98 -6.13 -11.92
CA LYS E 5 11.10 -5.45 -10.64
C LYS E 5 9.83 -4.61 -10.43
N VAL E 6 9.31 -4.59 -9.20
CA VAL E 6 8.09 -3.86 -8.93
C VAL E 6 8.41 -2.40 -8.76
N LEU E 7 7.87 -1.58 -9.66
CA LEU E 7 8.07 -0.11 -9.67
C LEU E 7 7.06 0.67 -8.82
N GLY E 8 5.81 0.24 -8.88
CA GLY E 8 4.74 0.86 -8.14
C GLY E 8 3.38 0.25 -8.46
N THR E 9 2.32 1.03 -8.21
CA THR E 9 0.95 0.56 -8.42
C THR E 9 0.19 1.48 -9.38
N VAL E 10 -0.84 0.93 -9.99
CA VAL E 10 -1.67 1.68 -10.92
C VAL E 10 -3.09 1.61 -10.38
N VAL E 11 -3.69 2.78 -10.21
CA VAL E 11 -5.05 2.85 -9.74
C VAL E 11 -5.92 3.32 -10.90
N SER E 12 -6.98 2.55 -11.09
CA SER E 12 -7.95 2.81 -12.12
C SER E 12 -9.30 2.62 -11.49
N THR E 13 -10.12 3.67 -11.55
CA THR E 13 -11.47 3.65 -11.04
C THR E 13 -12.48 3.36 -12.13
N SER E 14 -12.25 3.95 -13.31
CA SER E 14 -13.17 3.77 -14.40
C SER E 14 -12.59 2.62 -15.21
N LYS E 15 -13.17 1.44 -14.99
CA LYS E 15 -12.70 0.20 -15.58
C LYS E 15 -13.77 -0.80 -15.85
N THR E 16 -13.36 -1.89 -16.51
CA THR E 16 -14.23 -3.03 -16.79
C THR E 16 -14.53 -3.82 -15.51
N PRO E 17 -15.77 -4.24 -15.35
CA PRO E 17 -16.19 -5.04 -14.21
C PRO E 17 -15.31 -6.26 -13.89
N ASN E 18 -14.69 -6.84 -14.92
CA ASN E 18 -13.88 -8.03 -14.75
C ASN E 18 -12.55 -7.69 -14.18
N LEU E 19 -12.26 -6.41 -14.02
CA LEU E 19 -10.96 -5.95 -13.57
C LEU E 19 -11.10 -5.37 -12.15
N THR E 20 -12.27 -5.63 -11.55
CA THR E 20 -12.59 -5.23 -10.18
C THR E 20 -12.01 -6.29 -9.22
N GLY E 21 -11.32 -5.83 -8.19
CA GLY E 21 -10.70 -6.71 -7.23
C GLY E 21 -9.31 -7.15 -7.68
N VAL E 22 -8.82 -6.63 -8.81
CA VAL E 22 -7.46 -7.02 -9.22
C VAL E 22 -6.49 -5.92 -8.84
N LYS E 23 -5.45 -6.30 -8.11
CA LYS E 23 -4.39 -5.37 -7.71
C LYS E 23 -3.51 -5.21 -8.93
N LEU E 24 -3.31 -3.99 -9.39
CA LEU E 24 -2.53 -3.72 -10.60
C LEU E 24 -1.16 -3.13 -10.26
N LEU E 25 -0.13 -3.88 -10.59
CA LEU E 25 1.27 -3.46 -10.38
C LEU E 25 1.98 -3.12 -11.69
N LEU E 26 2.74 -2.03 -11.64
CA LEU E 26 3.67 -1.62 -12.70
C LEU E 26 4.95 -2.37 -12.41
N VAL E 27 5.28 -3.35 -13.24
CA VAL E 27 6.52 -4.15 -13.15
C VAL E 27 7.43 -3.95 -14.38
N GLN E 28 8.63 -3.34 -14.14
CA GLN E 28 9.66 -3.06 -15.16
C GLN E 28 10.48 -4.30 -15.48
N PHE E 29 10.65 -4.63 -16.75
CA PHE E 29 11.40 -5.82 -17.12
C PHE E 29 12.90 -5.74 -16.85
N LEU E 30 13.46 -6.91 -16.55
CA LEU E 30 14.86 -7.08 -16.29
C LEU E 30 15.55 -7.97 -17.33
N ASP E 31 16.79 -7.67 -17.66
CA ASP E 31 17.45 -8.56 -18.60
C ASP E 31 18.21 -9.69 -17.85
N THR E 32 18.92 -10.50 -18.62
CA THR E 32 19.70 -11.62 -18.12
C THR E 32 20.80 -11.24 -17.14
N LYS E 33 21.27 -9.99 -17.14
CA LYS E 33 22.27 -9.57 -16.17
C LYS E 33 21.63 -8.69 -15.05
N GLY E 34 20.34 -8.89 -14.83
CA GLY E 34 19.55 -8.17 -13.83
C GLY E 34 19.41 -6.65 -14.00
N GLN E 35 19.60 -6.22 -15.24
CA GLN E 35 19.48 -4.81 -15.58
C GLN E 35 18.09 -4.45 -16.11
N PRO E 36 17.69 -3.20 -15.84
CA PRO E 36 16.36 -2.75 -16.22
C PRO E 36 16.20 -2.48 -17.70
N LEU E 37 15.14 -3.05 -18.25
CA LEU E 37 14.80 -2.89 -19.64
C LEU E 37 13.70 -1.83 -19.78
N GLU E 38 13.46 -1.39 -21.01
CA GLU E 38 12.44 -0.40 -21.28
C GLU E 38 11.08 -1.10 -21.23
N ARG E 39 11.02 -2.34 -21.69
CA ARG E 39 9.76 -3.09 -21.64
C ARG E 39 9.23 -3.17 -20.20
N TYR E 40 7.91 -3.09 -20.08
CA TYR E 40 7.22 -3.18 -18.81
C TYR E 40 5.83 -3.83 -19.02
N GLU E 41 5.17 -4.11 -17.91
CA GLU E 41 3.77 -4.53 -17.97
C GLU E 41 3.05 -3.99 -16.77
N VAL E 42 1.79 -3.63 -16.98
CA VAL E 42 0.95 -3.36 -15.85
C VAL E 42 0.34 -4.72 -15.64
N ALA E 43 0.76 -5.39 -14.58
CA ALA E 43 0.34 -6.75 -14.33
C ALA E 43 -0.52 -6.90 -13.09
N GLY E 44 -1.45 -7.86 -13.17
CA GLY E 44 -2.26 -8.19 -12.01
C GLY E 44 -1.33 -8.97 -11.07
N ASP E 45 -1.55 -8.83 -9.77
CA ASP E 45 -0.74 -9.51 -8.74
C ASP E 45 -1.61 -10.50 -7.95
N VAL E 46 -1.18 -11.76 -8.02
CA VAL E 46 -1.84 -12.92 -7.40
C VAL E 46 -0.95 -13.52 -6.32
N VAL E 47 0.20 -12.93 -6.10
CA VAL E 47 1.15 -13.41 -5.08
C VAL E 47 1.51 -12.45 -3.94
N GLY E 48 1.23 -11.16 -4.09
CA GLY E 48 1.50 -10.19 -3.02
C GLY E 48 2.89 -9.56 -3.03
N ALA E 49 3.31 -9.09 -4.19
CA ALA E 49 4.64 -8.47 -4.32
C ALA E 49 4.65 -7.02 -3.92
N GLY E 50 5.82 -6.54 -3.54
CA GLY E 50 5.95 -5.13 -3.16
C GLY E 50 7.06 -4.43 -3.88
N LEU E 51 7.16 -3.13 -3.62
CA LEU E 51 8.14 -2.25 -4.25
C LEU E 51 9.56 -2.81 -4.20
N ASN E 52 10.20 -2.79 -5.35
CA ASN E 52 11.59 -3.19 -5.55
C ASN E 52 11.90 -4.67 -5.49
N GLU E 53 10.89 -5.47 -5.22
CA GLU E 53 11.01 -6.91 -5.16
C GLU E 53 11.18 -7.37 -6.61
N TRP E 54 11.96 -8.45 -6.82
CA TRP E 54 12.13 -9.10 -8.15
C TRP E 54 11.03 -10.15 -8.26
N VAL E 55 10.37 -10.21 -9.42
CA VAL E 55 9.22 -11.10 -9.59
C VAL E 55 9.24 -11.78 -10.97
N LEU E 56 8.41 -12.82 -11.10
CA LEU E 56 8.18 -13.52 -12.37
C LEU E 56 6.86 -13.09 -12.95
N VAL E 57 6.90 -12.65 -14.21
CA VAL E 57 5.70 -12.19 -14.93
C VAL E 57 5.28 -13.10 -16.11
N ALA E 58 4.08 -13.67 -16.02
CA ALA E 58 3.52 -14.51 -17.08
C ALA E 58 2.70 -13.65 -18.06
N ARG E 59 2.97 -13.81 -19.35
CA ARG E 59 2.34 -13.02 -20.39
C ARG E 59 1.34 -13.68 -21.27
N GLY E 60 0.51 -12.80 -21.84
CA GLY E 60 -0.52 -13.29 -22.73
C GLY E 60 -1.50 -14.13 -21.99
N SER E 61 -2.04 -15.17 -22.60
CA SER E 61 -3.13 -15.96 -21.94
C SER E 61 -2.72 -16.80 -20.75
N ALA E 62 -1.44 -16.91 -20.49
CA ALA E 62 -0.90 -17.59 -19.31
C ALA E 62 -1.41 -16.81 -18.11
N ALA E 63 -1.44 -15.49 -18.27
CA ALA E 63 -1.90 -14.55 -17.21
C ALA E 63 -3.31 -14.83 -16.67
N ARG E 64 -4.06 -15.64 -17.37
CA ARG E 64 -5.46 -15.91 -17.04
C ARG E 64 -5.70 -17.32 -16.53
N LYS E 65 -4.63 -17.98 -16.11
CA LYS E 65 -4.69 -19.37 -15.68
C LYS E 65 -4.71 -19.57 -14.18
N GLU E 66 -5.13 -18.58 -13.40
CA GLU E 66 -5.22 -18.73 -11.94
C GLU E 66 -6.70 -18.91 -11.60
N ARG E 67 -6.99 -19.51 -10.45
CA ARG E 67 -8.36 -19.85 -10.00
C ARG E 67 -9.49 -19.00 -10.61
N GLY E 68 -9.59 -17.73 -10.24
CA GLY E 68 -10.67 -16.88 -10.74
C GLY E 68 -10.33 -15.85 -11.82
N ASN E 69 -9.32 -16.13 -12.64
CA ASN E 69 -8.88 -15.13 -13.63
C ASN E 69 -9.19 -15.44 -15.08
N GLY E 70 -9.94 -16.48 -15.32
CA GLY E 70 -10.24 -16.91 -16.69
C GLY E 70 -11.04 -15.99 -17.59
N ASP E 71 -11.89 -15.14 -17.01
CA ASP E 71 -12.66 -14.22 -17.85
C ASP E 71 -12.30 -12.77 -17.60
N ARG E 72 -11.11 -12.56 -17.04
CA ARG E 72 -10.63 -11.19 -16.81
C ARG E 72 -9.78 -10.83 -17.98
N PRO E 73 -9.70 -9.52 -18.28
CA PRO E 73 -8.91 -9.00 -19.40
C PRO E 73 -7.44 -8.86 -19.06
N LEU E 74 -6.86 -9.93 -18.55
CA LEU E 74 -5.44 -9.88 -18.15
C LEU E 74 -4.44 -10.43 -19.13
N ASP E 75 -3.49 -9.53 -19.43
CA ASP E 75 -2.35 -9.69 -20.30
C ASP E 75 -1.11 -10.20 -19.65
N ALA E 76 -1.00 -9.88 -18.38
CA ALA E 76 0.23 -10.01 -17.65
C ALA E 76 -0.11 -10.23 -16.20
N MET E 77 0.54 -11.23 -15.60
CA MET E 77 0.28 -11.65 -14.23
C MET E 77 1.57 -11.84 -13.47
N VAL E 78 1.65 -11.31 -12.24
CA VAL E 78 2.84 -11.56 -11.36
C VAL E 78 2.55 -12.90 -10.67
N VAL E 79 3.28 -13.93 -11.10
CA VAL E 79 3.03 -15.31 -10.69
C VAL E 79 4.02 -15.86 -9.66
N GLY E 80 5.03 -15.07 -9.33
CA GLY E 80 5.92 -15.44 -8.28
C GLY E 80 6.96 -14.41 -7.90
N ILE E 81 7.45 -14.49 -6.67
CA ILE E 81 8.50 -13.65 -6.15
C ILE E 81 9.80 -14.46 -6.24
N ILE E 82 10.84 -13.80 -6.73
CA ILE E 82 12.12 -14.45 -6.97
C ILE E 82 13.01 -14.36 -5.75
N ASP E 83 13.47 -15.52 -5.26
CA ASP E 83 14.41 -15.59 -4.11
C ASP E 83 15.83 -15.55 -4.65
N THR E 84 16.08 -16.38 -5.66
CA THR E 84 17.40 -16.49 -6.26
C THR E 84 17.43 -16.71 -7.78
N VAL E 85 18.39 -16.07 -8.45
CA VAL E 85 18.70 -16.37 -9.86
C VAL E 85 20.18 -16.81 -9.90
N ASN E 86 20.42 -18.08 -10.23
CA ASN E 86 21.78 -18.67 -10.25
C ASN E 86 22.30 -19.00 -11.65
N VAL E 87 23.43 -18.37 -11.99
CA VAL E 87 24.07 -18.58 -13.29
C VAL E 87 25.39 -19.40 -13.14
N ALA E 88 26.18 -19.46 -14.21
CA ALA E 88 27.45 -20.20 -14.18
C ALA E 88 28.49 -19.47 -13.33
N SER E 89 28.49 -18.15 -13.38
CA SER E 89 29.42 -17.35 -12.56
C SER E 89 29.04 -17.42 -11.08
N GLY E 90 27.79 -17.76 -10.79
CA GLY E 90 27.30 -17.90 -9.42
C GLY E 90 25.92 -17.30 -9.32
N SER E 91 25.60 -16.74 -8.15
CA SER E 91 24.30 -16.14 -7.91
C SER E 91 24.23 -14.74 -8.55
N LEU E 92 23.20 -14.53 -9.40
CA LEU E 92 22.99 -13.22 -10.05
C LEU E 92 22.14 -12.34 -9.12
N TYR E 93 21.27 -12.99 -8.37
CA TYR E 93 20.40 -12.30 -7.43
C TYR E 93 20.06 -13.22 -6.28
N ASN E 94 20.04 -12.63 -5.10
CA ASN E 94 19.67 -13.30 -3.89
C ASN E 94 18.89 -12.26 -3.12
N LYS E 95 17.65 -12.55 -2.78
CA LYS E 95 16.82 -11.54 -2.10
C LYS E 95 17.36 -11.13 -0.73
N ARG E 96 18.17 -11.99 -0.11
CA ARG E 96 18.74 -11.80 1.24
C ARG E 96 20.14 -11.20 1.24
N MET F 1 -5.33 9.78 16.94
CA MET F 1 -4.39 8.64 16.62
CA MET F 1 -4.34 8.70 16.78
C MET F 1 -3.09 9.43 16.27
N GLN F 2 -1.91 8.80 16.42
CA GLN F 2 -0.67 9.49 16.02
C GLN F 2 0.00 8.88 14.80
N LEU F 3 0.62 9.72 13.99
CA LEU F 3 1.37 9.20 12.85
C LEU F 3 2.70 8.77 13.44
N ALA F 4 3.13 7.56 13.12
CA ALA F 4 4.41 7.04 13.61
C ALA F 4 5.09 6.15 12.57
N LYS F 5 6.38 5.98 12.77
CA LYS F 5 7.25 5.16 11.88
C LYS F 5 7.83 4.00 12.68
N VAL F 6 7.77 2.78 12.14
CA VAL F 6 8.23 1.62 12.90
C VAL F 6 9.73 1.57 12.95
N LEU F 7 10.26 1.63 14.16
CA LEU F 7 11.71 1.59 14.44
C LEU F 7 12.31 0.20 14.63
N GLY F 8 11.54 -0.65 15.30
CA GLY F 8 11.95 -2.02 15.56
C GLY F 8 10.99 -2.82 16.44
N THR F 9 11.51 -3.86 17.08
CA THR F 9 10.69 -4.73 17.93
C THR F 9 11.29 -4.83 19.32
N VAL F 10 10.42 -5.09 20.28
CA VAL F 10 10.82 -5.22 21.68
C VAL F 10 10.50 -6.65 22.14
N VAL F 11 11.54 -7.32 22.62
CA VAL F 11 11.41 -8.69 23.08
C VAL F 11 11.39 -8.67 24.61
N SER F 12 10.35 -9.26 25.18
CA SER F 12 10.28 -9.37 26.61
C SER F 12 9.80 -10.79 26.91
N THR F 13 10.56 -11.46 27.77
CA THR F 13 10.30 -12.84 28.16
C THR F 13 9.66 -12.92 29.53
N SER F 14 10.15 -12.09 30.43
CA SER F 14 9.54 -12.04 31.77
C SER F 14 8.53 -10.89 31.74
N LYS F 15 7.28 -11.30 31.57
CA LYS F 15 6.17 -10.37 31.43
C LYS F 15 4.82 -10.98 31.88
N THR F 16 3.81 -10.13 31.95
CA THR F 16 2.51 -10.50 32.42
C THR F 16 1.85 -11.49 31.46
N PRO F 17 1.09 -12.45 31.99
CA PRO F 17 0.40 -13.42 31.13
C PRO F 17 -0.60 -12.83 30.14
N ASN F 18 -1.09 -11.62 30.40
CA ASN F 18 -2.02 -10.96 29.48
C ASN F 18 -1.26 -10.30 28.34
N LEU F 19 0.06 -10.36 28.34
CA LEU F 19 0.85 -9.73 27.29
C LEU F 19 1.45 -10.84 26.40
N THR F 20 1.01 -12.08 26.63
CA THR F 20 1.54 -13.22 25.88
C THR F 20 0.77 -13.28 24.56
N GLY F 21 1.52 -13.42 23.48
CA GLY F 21 0.93 -13.44 22.16
C GLY F 21 0.77 -12.08 21.54
N VAL F 22 1.26 -11.04 22.20
CA VAL F 22 1.18 -9.68 21.66
C VAL F 22 2.53 -9.28 21.03
N LYS F 23 2.53 -8.95 19.73
CA LYS F 23 3.76 -8.52 19.05
C LYS F 23 4.02 -7.06 19.44
N LEU F 24 5.17 -6.75 20.00
CA LEU F 24 5.44 -5.43 20.54
C LEU F 24 6.41 -4.69 19.68
N LEU F 25 5.91 -3.60 19.11
CA LEU F 25 6.70 -2.77 18.23
C LEU F 25 7.03 -1.45 18.86
N LEU F 26 8.29 -1.04 18.69
CA LEU F 26 8.74 0.30 19.02
C LEU F 26 8.43 1.23 17.83
N VAL F 27 7.47 2.13 18.05
CA VAL F 27 6.98 3.10 17.04
C VAL F 27 7.29 4.57 17.45
N GLN F 28 8.16 5.22 16.68
CA GLN F 28 8.51 6.61 16.91
C GLN F 28 7.47 7.56 16.33
N PHE F 29 7.03 8.56 17.11
CA PHE F 29 6.04 9.53 16.60
C PHE F 29 6.60 10.51 15.57
N LEU F 30 5.70 10.91 14.67
CA LEU F 30 6.01 11.82 13.58
C LEU F 30 5.13 13.04 13.70
N ASP F 31 5.65 14.19 13.27
CA ASP F 31 4.90 15.44 13.32
C ASP F 31 4.04 15.67 12.07
N THR F 32 3.36 16.81 12.00
CA THR F 32 2.47 17.10 10.87
C THR F 32 3.22 17.28 9.53
N LYS F 33 4.54 17.46 9.58
CA LYS F 33 5.33 17.57 8.36
C LYS F 33 6.14 16.29 8.09
N GLY F 34 5.68 15.17 8.65
CA GLY F 34 6.35 13.87 8.49
C GLY F 34 7.71 13.72 9.17
N GLN F 35 8.01 14.62 10.10
CA GLN F 35 9.32 14.62 10.76
C GLN F 35 9.25 13.84 12.08
N PRO F 36 10.34 13.13 12.46
CA PRO F 36 10.38 12.35 13.70
C PRO F 36 10.45 13.15 14.99
N LEU F 37 9.57 12.79 15.93
CA LEU F 37 9.55 13.41 17.25
C LEU F 37 10.26 12.52 18.26
N GLU F 38 10.40 13.06 19.46
CA GLU F 38 11.02 12.34 20.56
C GLU F 38 10.03 11.32 21.07
N ARG F 39 8.79 11.75 21.21
CA ARG F 39 7.75 10.85 21.70
C ARG F 39 7.69 9.58 20.88
N TYR F 40 7.39 8.49 21.60
CA TYR F 40 7.30 7.16 21.03
C TYR F 40 6.35 6.31 21.86
N GLU F 41 6.07 5.13 21.37
CA GLU F 41 5.34 4.15 22.16
C GLU F 41 5.86 2.74 21.81
N VAL F 42 5.91 1.87 22.81
CA VAL F 42 6.11 0.48 22.53
C VAL F 42 4.63 0.07 22.42
N ALA F 43 4.18 -0.21 21.21
CA ALA F 43 2.81 -0.57 20.94
C ALA F 43 2.63 -2.03 20.51
N GLY F 44 1.46 -2.56 20.83
CA GLY F 44 1.14 -3.88 20.35
C GLY F 44 0.80 -3.69 18.89
N ASP F 45 0.94 -4.75 18.08
CA ASP F 45 0.61 -4.75 16.65
C ASP F 45 -0.50 -5.75 16.28
N VAL F 46 -1.58 -5.23 15.73
CA VAL F 46 -2.76 -6.02 15.37
C VAL F 46 -2.94 -6.04 13.86
N VAL F 47 -2.05 -5.31 13.19
CA VAL F 47 -2.13 -5.08 11.75
C VAL F 47 -1.05 -5.74 10.88
N GLY F 48 0.12 -5.95 11.48
CA GLY F 48 1.25 -6.58 10.76
C GLY F 48 2.17 -5.58 10.08
N ALA F 49 2.58 -4.55 10.82
CA ALA F 49 3.46 -3.53 10.30
C ALA F 49 4.96 -3.92 10.35
N GLY F 50 5.71 -3.34 9.44
CA GLY F 50 7.14 -3.64 9.33
C GLY F 50 8.04 -2.41 9.38
N LEU F 51 9.33 -2.67 9.54
CA LEU F 51 10.36 -1.63 9.68
C LEU F 51 10.20 -0.49 8.68
N ASN F 52 10.23 0.74 9.21
CA ASN F 52 10.11 1.97 8.43
C ASN F 52 8.75 2.29 7.79
N GLU F 53 7.77 1.40 7.95
CA GLU F 53 6.41 1.70 7.50
C GLU F 53 5.87 2.79 8.42
N TRP F 54 4.98 3.63 7.85
CA TRP F 54 4.23 4.65 8.56
C TRP F 54 2.96 4.01 9.02
N VAL F 55 2.61 4.28 10.28
CA VAL F 55 1.47 3.64 10.95
C VAL F 55 0.59 4.61 11.73
N LEU F 56 -0.59 4.13 12.10
CA LEU F 56 -1.51 4.88 12.98
C LEU F 56 -1.50 4.21 14.34
N VAL F 57 -1.21 5.02 15.37
CA VAL F 57 -1.08 4.56 16.77
C VAL F 57 -2.21 5.08 17.67
N ALA F 58 -3.04 4.19 18.17
CA ALA F 58 -4.09 4.53 19.12
C ALA F 58 -3.47 4.49 20.50
N ARG F 59 -3.71 5.52 21.30
CA ARG F 59 -3.27 5.56 22.69
C ARG F 59 -4.42 5.41 23.72
N GLY F 60 -4.00 5.02 24.91
CA GLY F 60 -4.86 4.90 26.06
C GLY F 60 -5.79 3.74 25.89
N SER F 61 -7.00 3.85 26.42
CA SER F 61 -7.95 2.72 26.43
C SER F 61 -8.47 2.35 25.09
N ALA F 62 -8.15 3.20 24.11
CA ALA F 62 -8.50 2.93 22.68
C ALA F 62 -7.73 1.68 22.20
N ALA F 63 -6.53 1.51 22.75
CA ALA F 63 -5.59 0.45 22.40
C ALA F 63 -6.01 -0.90 22.88
N ARG F 64 -7.14 -0.97 23.61
CA ARG F 64 -7.71 -2.23 24.09
C ARG F 64 -9.01 -2.55 23.47
N LYS F 65 -9.32 -1.89 22.36
CA LYS F 65 -10.63 -2.05 21.72
C LYS F 65 -10.72 -3.07 20.57
N GLU F 66 -9.77 -3.99 20.45
CA GLU F 66 -9.89 -4.95 19.34
C GLU F 66 -10.31 -6.31 19.94
N ARG F 67 -10.78 -7.20 19.07
CA ARG F 67 -11.36 -8.50 19.50
C ARG F 67 -10.90 -9.04 20.86
N GLY F 68 -9.66 -9.50 20.97
CA GLY F 68 -9.18 -10.12 22.20
C GLY F 68 -8.22 -9.33 23.08
N ASN F 69 -8.36 -8.00 23.07
CA ASN F 69 -7.42 -7.16 23.77
C ASN F 69 -7.95 -6.39 24.96
N GLY F 70 -9.17 -6.67 25.35
CA GLY F 70 -9.82 -5.90 26.40
C GLY F 70 -9.31 -6.08 27.80
N ASP F 71 -8.60 -7.18 28.06
CA ASP F 71 -8.05 -7.46 29.37
C ASP F 71 -6.51 -7.44 29.41
N ARG F 72 -5.93 -6.81 28.39
CA ARG F 72 -4.50 -6.72 28.27
C ARG F 72 -4.03 -5.36 28.71
N PRO F 73 -2.85 -5.27 29.33
CA PRO F 73 -2.32 -3.97 29.73
C PRO F 73 -1.78 -3.10 28.61
N LEU F 74 -2.58 -2.96 27.56
CA LEU F 74 -2.17 -2.15 26.41
C LEU F 74 -2.51 -0.64 26.45
N ASP F 75 -1.45 0.13 26.37
CA ASP F 75 -1.28 1.58 26.39
C ASP F 75 -1.28 2.31 25.05
N ALA F 76 -0.89 1.54 24.03
CA ALA F 76 -0.66 1.94 22.68
C ALA F 76 -0.84 0.70 21.74
N MET F 77 -1.56 0.86 20.63
CA MET F 77 -1.72 -0.22 19.67
CA MET F 77 -1.84 -0.20 19.68
C MET F 77 -1.55 0.42 18.31
N VAL F 78 -1.04 -0.38 17.39
CA VAL F 78 -0.84 -0.01 15.99
C VAL F 78 -2.09 -0.48 15.30
N VAL F 79 -2.98 0.44 14.95
CA VAL F 79 -4.29 0.07 14.35
C VAL F 79 -4.41 0.16 12.84
N GLY F 80 -3.37 0.68 12.20
CA GLY F 80 -3.36 0.74 10.75
C GLY F 80 -2.05 1.16 10.12
N ILE F 81 -1.88 0.75 8.85
CA ILE F 81 -0.72 1.14 8.04
C ILE F 81 -1.19 2.26 7.13
N ILE F 82 -0.41 3.34 7.06
CA ILE F 82 -0.79 4.51 6.29
C ILE F 82 -0.32 4.41 4.88
N ASP F 83 -1.25 4.58 3.93
CA ASP F 83 -0.98 4.57 2.52
C ASP F 83 -0.56 6.00 2.12
N THR F 84 -1.43 6.97 2.43
CA THR F 84 -1.14 8.36 2.09
C THR F 84 -1.68 9.33 3.13
N VAL F 85 -0.97 10.44 3.25
CA VAL F 85 -1.38 11.60 4.04
C VAL F 85 -1.44 12.78 3.05
N ASN F 86 -2.63 13.31 2.85
CA ASN F 86 -2.88 14.40 1.91
C ASN F 86 -3.19 15.75 2.57
N VAL F 87 -2.36 16.75 2.30
CA VAL F 87 -2.50 18.10 2.83
C VAL F 87 -2.95 19.09 1.74
N ALA F 88 -2.93 20.38 2.05
CA ALA F 88 -3.31 21.44 1.11
C ALA F 88 -2.28 21.61 0.00
N SER F 89 -1.01 21.47 0.36
CA SER F 89 0.10 21.56 -0.59
C SER F 89 0.11 20.36 -1.55
N GLY F 90 -0.46 19.25 -1.09
CA GLY F 90 -0.55 18.01 -1.85
C GLY F 90 -0.29 16.81 -0.93
N SER F 91 0.31 15.76 -1.49
CA SER F 91 0.64 14.56 -0.71
C SER F 91 1.87 14.78 0.15
N LEU F 92 1.70 14.54 1.45
CA LEU F 92 2.76 14.67 2.44
C LEU F 92 3.53 13.35 2.50
N TYR F 93 2.80 12.27 2.25
CA TYR F 93 3.35 10.91 2.23
C TYR F 93 2.50 10.02 1.34
N ASN F 94 3.22 9.16 0.63
CA ASN F 94 2.66 8.18 -0.28
C ASN F 94 3.55 6.97 -0.13
N LYS F 95 2.99 5.84 0.31
CA LYS F 95 3.83 4.65 0.55
C LYS F 95 4.50 4.11 -0.73
N ARG F 96 3.90 4.37 -1.89
CA ARG F 96 4.49 4.01 -3.17
C ARG F 96 5.38 5.16 -3.66
N MET G 1 -12.09 19.66 25.28
CA MET G 1 -11.79 19.52 23.82
C MET G 1 -10.76 20.52 23.31
N GLN G 2 -10.22 20.25 22.14
CA GLN G 2 -9.21 21.12 21.61
C GLN G 2 -9.74 21.81 20.33
N LEU G 3 -9.26 23.06 20.15
CA LEU G 3 -9.52 23.78 18.95
C LEU G 3 -8.53 23.21 17.99
N ALA G 4 -8.97 22.92 16.78
CA ALA G 4 -8.09 22.36 15.73
C ALA G 4 -8.51 22.85 14.35
N LYS G 5 -7.58 22.76 13.42
CA LYS G 5 -7.82 23.12 12.03
C LYS G 5 -7.60 21.86 11.17
N VAL G 6 -8.47 21.60 10.19
CA VAL G 6 -8.34 20.39 9.38
C VAL G 6 -7.25 20.58 8.34
N LEU G 7 -6.24 19.74 8.40
CA LEU G 7 -5.12 19.79 7.45
C LEU G 7 -5.29 18.92 6.21
N GLY G 8 -5.87 17.75 6.41
CA GLY G 8 -6.06 16.81 5.34
C GLY G 8 -6.74 15.53 5.78
N THR G 9 -6.57 14.49 4.95
CA THR G 9 -7.12 13.15 5.15
C THR G 9 -6.03 12.07 5.26
N VAL G 10 -6.32 11.02 6.02
CA VAL G 10 -5.41 9.89 6.16
C VAL G 10 -6.09 8.65 5.57
N VAL G 11 -5.48 8.05 4.56
CA VAL G 11 -6.04 6.87 3.94
C VAL G 11 -5.22 5.67 4.42
N SER G 12 -5.93 4.69 4.98
CA SER G 12 -5.36 3.46 5.48
C SER G 12 -6.24 2.36 4.96
N THR G 13 -5.63 1.41 4.25
CA THR G 13 -6.34 0.24 3.74
C THR G 13 -6.08 -0.98 4.65
N SER G 14 -4.84 -1.15 5.11
CA SER G 14 -4.51 -2.26 5.99
C SER G 14 -4.78 -1.75 7.40
N LYS G 15 -5.94 -2.11 7.94
CA LYS G 15 -6.31 -1.67 9.28
C LYS G 15 -7.29 -2.61 9.96
N THR G 16 -7.52 -2.35 11.24
CA THR G 16 -8.43 -3.18 12.04
C THR G 16 -9.86 -3.05 11.53
N PRO G 17 -10.63 -4.14 11.62
CA PRO G 17 -12.04 -4.16 11.14
C PRO G 17 -12.98 -3.18 11.87
N ASN G 18 -12.58 -2.75 13.06
CA ASN G 18 -13.33 -1.79 13.85
C ASN G 18 -13.07 -0.35 13.38
N LEU G 19 -12.17 -0.18 12.42
CA LEU G 19 -11.85 1.17 11.91
C LEU G 19 -12.38 1.29 10.47
N THR G 20 -13.18 0.31 10.04
CA THR G 20 -13.74 0.31 8.69
C THR G 20 -14.99 1.19 8.72
N GLY G 21 -15.06 2.10 7.75
CA GLY G 21 -16.16 3.05 7.65
C GLY G 21 -15.95 4.31 8.45
N VAL G 22 -14.79 4.46 9.09
CA VAL G 22 -14.52 5.74 9.78
C VAL G 22 -13.61 6.65 8.95
N LYS G 23 -14.08 7.87 8.74
CA LYS G 23 -13.33 8.90 8.01
C LYS G 23 -12.21 9.38 8.93
N LEU G 24 -10.99 9.38 8.41
CA LEU G 24 -9.83 9.77 9.22
C LEU G 24 -9.27 11.12 8.79
N LEU G 25 -9.33 12.08 9.70
CA LEU G 25 -8.84 13.42 9.42
C LEU G 25 -7.62 13.81 10.22
N LEU G 26 -6.65 14.38 9.55
CA LEU G 26 -5.48 14.94 10.19
C LEU G 26 -5.80 16.36 10.65
N VAL G 27 -5.94 16.58 11.94
CA VAL G 27 -6.35 17.87 12.48
C VAL G 27 -5.23 18.42 13.38
N GLN G 28 -4.70 19.59 13.00
CA GLN G 28 -3.64 20.25 13.74
C GLN G 28 -4.22 21.11 14.89
N PHE G 29 -3.68 20.94 16.09
CA PHE G 29 -4.15 21.72 17.23
C PHE G 29 -3.77 23.20 17.11
N LEU G 30 -4.67 24.03 17.66
CA LEU G 30 -4.55 25.47 17.70
C LEU G 30 -4.50 25.91 19.16
N ASP G 31 -3.79 27.01 19.41
CA ASP G 31 -3.73 27.55 20.76
C ASP G 31 -4.88 28.55 21.03
N THR G 32 -4.80 29.20 22.18
CA THR G 32 -5.82 30.14 22.64
C THR G 32 -5.89 31.43 21.82
N LYS G 33 -4.83 31.70 21.05
CA LYS G 33 -4.78 32.86 20.17
C LYS G 33 -4.98 32.46 18.69
N GLY G 34 -5.59 31.28 18.49
CA GLY G 34 -5.89 30.73 17.15
C GLY G 34 -4.68 30.38 16.30
N GLN G 35 -3.55 30.20 16.97
CA GLN G 35 -2.30 29.88 16.28
C GLN G 35 -2.02 28.38 16.34
N PRO G 36 -1.44 27.83 15.25
CA PRO G 36 -1.14 26.43 15.11
C PRO G 36 -0.01 25.91 15.99
N LEU G 37 -0.33 24.81 16.68
CA LEU G 37 0.60 24.11 17.54
C LEU G 37 1.19 22.90 16.81
N GLU G 38 2.19 22.27 17.44
CA GLU G 38 2.80 21.06 16.88
C GLU G 38 1.90 19.89 17.10
N ARG G 39 1.26 19.84 18.27
CA ARG G 39 0.33 18.76 18.60
C ARG G 39 -0.70 18.61 17.49
N TYR G 40 -1.11 17.37 17.25
CA TYR G 40 -2.12 17.07 16.26
C TYR G 40 -2.83 15.79 16.65
N GLU G 41 -3.84 15.42 15.90
CA GLU G 41 -4.46 14.11 16.03
C GLU G 41 -4.94 13.66 14.68
N VAL G 42 -4.83 12.38 14.43
CA VAL G 42 -5.53 11.81 13.28
C VAL G 42 -6.83 11.35 13.99
N ALA G 43 -7.90 12.08 13.70
CA ALA G 43 -9.16 11.88 14.35
C ALA G 43 -10.24 11.35 13.43
N GLY G 44 -11.17 10.59 14.01
CA GLY G 44 -12.32 10.14 13.25
C GLY G 44 -13.29 11.30 13.14
N ASP G 45 -14.00 11.41 12.03
CA ASP G 45 -14.90 12.52 11.80
C ASP G 45 -16.35 12.02 11.73
N VAL G 46 -17.15 12.55 12.63
CA VAL G 46 -18.55 12.17 12.78
C VAL G 46 -19.47 13.37 12.47
N VAL G 47 -18.86 14.50 12.09
CA VAL G 47 -19.62 15.73 11.76
C VAL G 47 -19.57 16.17 10.28
N GLY G 48 -18.55 15.77 9.52
CA GLY G 48 -18.42 16.18 8.14
C GLY G 48 -17.62 17.47 7.92
N ALA G 49 -16.44 17.54 8.54
CA ALA G 49 -15.59 18.72 8.43
C ALA G 49 -14.66 18.67 7.20
N GLY G 50 -14.27 19.84 6.70
CA GLY G 50 -13.41 19.92 5.52
C GLY G 50 -12.18 20.78 5.71
N LEU G 51 -11.33 20.77 4.70
CA LEU G 51 -10.03 21.47 4.72
C LEU G 51 -10.13 22.89 5.25
N ASN G 52 -9.24 23.23 6.18
CA ASN G 52 -9.13 24.55 6.78
C ASN G 52 -10.20 24.96 7.80
N GLU G 53 -11.25 24.17 7.92
CA GLU G 53 -12.27 24.47 8.92
C GLU G 53 -11.73 24.32 10.33
N TRP G 54 -12.23 25.13 11.27
CA TRP G 54 -11.90 25.02 12.69
C TRP G 54 -12.86 24.06 13.30
N VAL G 55 -12.31 23.16 14.12
CA VAL G 55 -13.11 22.06 14.65
C VAL G 55 -12.85 21.79 16.13
N LEU G 56 -13.79 21.08 16.76
CA LEU G 56 -13.66 20.63 18.15
C LEU G 56 -13.25 19.18 18.14
N VAL G 57 -12.16 18.87 18.84
CA VAL G 57 -11.62 17.53 18.93
C VAL G 57 -11.67 17.01 20.38
N ALA G 58 -12.45 15.94 20.55
CA ALA G 58 -12.61 15.18 21.80
C ALA G 58 -11.54 14.08 21.93
N ARG G 59 -10.75 14.10 23.01
CA ARG G 59 -9.64 13.11 23.16
C ARG G 59 -9.89 12.01 24.17
N GLY G 60 -9.14 10.92 24.01
CA GLY G 60 -9.29 9.83 24.93
C GLY G 60 -10.60 9.08 24.73
N SER G 61 -11.14 8.50 25.79
CA SER G 61 -12.33 7.68 25.71
C SER G 61 -13.62 8.42 25.35
N ALA G 62 -13.53 9.74 25.30
CA ALA G 62 -14.60 10.67 24.91
C ALA G 62 -14.93 10.44 23.44
N ALA G 63 -13.87 10.17 22.68
CA ALA G 63 -13.93 9.94 21.25
C ALA G 63 -14.69 8.67 20.90
N ARG G 64 -15.05 7.86 21.88
CA ARG G 64 -15.81 6.66 21.56
C ARG G 64 -17.22 6.73 22.04
N LYS G 65 -17.70 7.94 22.34
CA LYS G 65 -19.04 8.09 22.93
C LYS G 65 -20.15 8.52 21.96
N GLU G 66 -20.02 8.20 20.68
CA GLU G 66 -21.12 8.50 19.77
C GLU G 66 -21.80 7.15 19.41
N ARG G 67 -22.99 7.22 18.84
CA ARG G 67 -23.80 6.03 18.57
C ARG G 67 -23.08 4.72 18.31
N GLY G 68 -22.39 4.60 17.18
CA GLY G 68 -21.77 3.31 16.86
C GLY G 68 -20.26 3.21 17.01
N ASN G 69 -19.68 3.98 17.95
CA ASN G 69 -18.21 4.04 18.09
C ASN G 69 -17.62 3.48 19.37
N GLY G 70 -18.45 2.79 20.14
CA GLY G 70 -18.01 2.30 21.45
C GLY G 70 -16.91 1.26 21.44
N ASP G 71 -16.85 0.50 20.35
CA ASP G 71 -15.90 -0.61 20.22
C ASP G 71 -14.80 -0.35 19.21
N ARG G 72 -14.67 0.91 18.81
CA ARG G 72 -13.67 1.29 17.83
C ARG G 72 -12.45 1.80 18.53
N PRO G 73 -11.27 1.55 17.95
CA PRO G 73 -10.04 2.04 18.56
C PRO G 73 -9.79 3.52 18.35
N LEU G 74 -10.77 4.36 18.68
CA LEU G 74 -10.63 5.82 18.51
C LEU G 74 -10.19 6.55 19.78
N ASP G 75 -9.10 7.31 19.58
CA ASP G 75 -8.44 8.15 20.62
C ASP G 75 -8.70 9.66 20.42
N ALA G 76 -9.29 10.02 19.29
CA ALA G 76 -9.56 11.39 18.97
C ALA G 76 -10.72 11.43 18.02
N MET G 77 -11.67 12.31 18.27
CA MET G 77 -12.83 12.43 17.43
C MET G 77 -13.17 13.88 17.16
N VAL G 78 -13.51 14.20 15.91
CA VAL G 78 -14.01 15.54 15.56
C VAL G 78 -15.50 15.52 15.86
N VAL G 79 -15.85 16.26 16.92
CA VAL G 79 -17.16 16.33 17.53
C VAL G 79 -18.04 17.55 17.17
N GLY G 80 -17.41 18.54 16.54
CA GLY G 80 -18.09 19.72 16.10
C GLY G 80 -17.24 20.68 15.30
N ILE G 81 -17.94 21.49 14.46
CA ILE G 81 -17.32 22.53 13.63
C ILE G 81 -17.61 23.85 14.32
N ILE G 82 -16.58 24.69 14.41
CA ILE G 82 -16.65 25.93 15.18
C ILE G 82 -17.11 27.10 14.34
N ASP G 83 -18.20 27.75 14.75
CA ASP G 83 -18.67 28.95 14.05
C ASP G 83 -17.97 30.19 14.62
N THR G 84 -17.91 30.33 15.93
CA THR G 84 -17.22 31.49 16.50
C THR G 84 -16.58 31.15 17.85
N VAL G 85 -15.42 31.77 18.11
CA VAL G 85 -14.70 31.73 19.41
C VAL G 85 -14.63 33.19 19.89
N ASN G 86 -15.30 33.48 21.01
CA ASN G 86 -15.41 34.81 21.57
C ASN G 86 -14.64 35.01 22.85
N VAL G 87 -13.72 35.98 22.86
CA VAL G 87 -12.94 36.30 24.04
C VAL G 87 -13.31 37.69 24.57
N ALA G 88 -12.50 38.22 25.50
CA ALA G 88 -12.75 39.53 26.12
C ALA G 88 -12.52 40.67 25.14
N SER G 89 -11.49 40.50 24.31
CA SER G 89 -11.15 41.50 23.27
C SER G 89 -12.22 41.54 22.21
N GLY G 90 -12.92 40.43 22.05
CA GLY G 90 -13.99 40.28 21.08
C GLY G 90 -13.88 38.93 20.42
N SER G 91 -14.27 38.88 19.15
CA SER G 91 -14.24 37.64 18.38
C SER G 91 -12.80 37.24 18.00
N LEU G 92 -12.41 36.04 18.38
CA LEU G 92 -11.10 35.49 18.05
C LEU G 92 -11.18 34.76 16.68
N TYR G 93 -12.38 34.22 16.42
CA TYR G 93 -12.65 33.56 15.16
C TYR G 93 -14.13 33.61 14.84
N ASN G 94 -14.41 33.83 13.56
CA ASN G 94 -15.76 33.83 13.04
C ASN G 94 -15.64 33.13 11.70
N LYS G 95 -16.36 32.03 11.47
CA LYS G 95 -16.19 31.33 10.19
C LYS G 95 -16.63 32.17 8.96
N ARG G 96 -17.33 33.28 9.21
CA ARG G 96 -17.81 34.21 8.20
C ARG G 96 -17.27 35.62 8.44
N MET H 1 -7.12 18.04 38.97
CA MET H 1 -7.86 19.13 38.35
C MET H 1 -6.94 20.28 38.01
N GLN H 2 -7.24 21.02 36.96
CA GLN H 2 -6.41 22.14 36.65
C GLN H 2 -7.05 23.47 37.01
N LEU H 3 -6.25 24.39 37.54
CA LEU H 3 -6.68 25.73 37.80
C LEU H 3 -6.73 26.35 36.41
N ALA H 4 -7.72 27.17 36.13
CA ALA H 4 -7.86 27.81 34.83
C ALA H 4 -8.69 29.09 34.96
N LYS H 5 -8.56 29.95 33.95
CA LYS H 5 -9.28 31.22 33.88
C LYS H 5 -10.18 31.17 32.65
N VAL H 6 -11.39 31.69 32.75
CA VAL H 6 -12.32 31.63 31.62
C VAL H 6 -12.05 32.72 30.64
N LEU H 7 -11.66 32.31 29.43
CA LEU H 7 -11.29 33.25 28.35
C LEU H 7 -12.48 33.74 27.50
N GLY H 8 -13.40 32.82 27.22
CA GLY H 8 -14.55 33.13 26.38
C GLY H 8 -15.43 31.90 26.16
N THR H 9 -16.24 31.97 25.09
CA THR H 9 -17.18 30.91 24.76
C THR H 9 -16.96 30.47 23.32
N VAL H 10 -17.25 29.20 23.04
CA VAL H 10 -17.06 28.61 21.74
C VAL H 10 -18.47 28.18 21.30
N VAL H 11 -18.87 28.67 20.12
CA VAL H 11 -20.16 28.36 19.53
C VAL H 11 -19.95 27.42 18.33
N SER H 12 -20.67 26.30 18.37
CA SER H 12 -20.67 25.26 17.33
C SER H 12 -22.10 24.89 17.05
N THR H 13 -22.47 24.98 15.78
CA THR H 13 -23.81 24.66 15.32
C THR H 13 -23.84 23.27 14.64
N SER H 14 -22.82 22.97 13.85
CA SER H 14 -22.66 21.66 13.24
C SER H 14 -21.86 20.80 14.23
N LYS H 15 -22.58 19.97 14.98
CA LYS H 15 -21.99 19.11 15.99
C LYS H 15 -22.77 17.85 16.28
N THR H 16 -22.16 16.96 17.05
CA THR H 16 -22.81 15.72 17.42
C THR H 16 -24.01 15.97 18.34
N PRO H 17 -25.08 15.17 18.19
CA PRO H 17 -26.30 15.31 18.98
C PRO H 17 -26.08 15.19 20.47
N ASN H 18 -24.99 14.53 20.87
CA ASN H 18 -24.66 14.39 22.29
C ASN H 18 -24.05 15.65 22.87
N LEU H 19 -23.80 16.63 22.01
CA LEU H 19 -23.20 17.91 22.44
C LEU H 19 -24.21 19.03 22.43
N THR H 20 -25.47 18.65 22.22
CA THR H 20 -26.56 19.62 22.19
C THR H 20 -27.01 19.92 23.61
N GLY H 21 -27.04 21.23 23.92
CA GLY H 21 -27.38 21.72 25.26
C GLY H 21 -26.17 21.88 26.16
N VAL H 22 -24.97 21.62 25.65
CA VAL H 22 -23.75 21.78 26.45
C VAL H 22 -23.11 23.17 26.20
N LYS H 23 -22.90 23.93 27.26
CA LYS H 23 -22.27 25.24 27.18
C LYS H 23 -20.80 25.01 27.00
N LEU H 24 -20.19 25.63 26.03
CA LEU H 24 -18.79 25.34 25.78
C LEU H 24 -17.91 26.54 26.10
N LEU H 25 -17.03 26.36 27.07
CA LEU H 25 -16.12 27.40 27.49
C LEU H 25 -14.66 27.18 27.17
N LEU H 26 -14.05 28.23 26.65
CA LEU H 26 -12.59 28.27 26.42
C LEU H 26 -11.91 28.69 27.73
N VAL H 27 -11.25 27.74 28.39
CA VAL H 27 -10.61 27.93 29.69
C VAL H 27 -9.10 27.74 29.58
N GLN H 28 -8.36 28.80 29.80
CA GLN H 28 -6.90 28.76 29.72
C GLN H 28 -6.28 28.26 31.03
N PHE H 29 -5.36 27.30 30.96
CA PHE H 29 -4.77 26.80 32.21
C PHE H 29 -3.82 27.80 32.86
N LEU H 30 -3.76 27.68 34.19
CA LEU H 30 -2.88 28.49 35.04
C LEU H 30 -1.89 27.59 35.75
N ASP H 31 -0.75 28.15 36.09
CA ASP H 31 0.25 27.38 36.80
C ASP H 31 0.10 27.59 38.31
N THR H 32 1.05 27.04 39.07
CA THR H 32 0.99 27.09 40.54
C THR H 32 1.21 28.49 41.12
N LYS H 33 1.64 29.45 40.29
CA LYS H 33 1.82 30.87 40.69
C LYS H 33 0.71 31.78 40.12
N GLY H 34 -0.41 31.17 39.72
CA GLY H 34 -1.55 31.87 39.09
C GLY H 34 -1.29 32.46 37.71
N GLN H 35 -0.22 31.99 37.06
CA GLN H 35 0.22 32.54 35.80
C GLN H 35 -0.30 31.70 34.63
N PRO H 36 -0.76 32.35 33.54
CA PRO H 36 -1.30 31.70 32.35
C PRO H 36 -0.38 30.79 31.54
N LEU H 37 -0.83 29.55 31.33
CA LEU H 37 -0.10 28.55 30.54
C LEU H 37 -0.66 28.50 29.09
N GLU H 38 0.08 27.85 28.22
CA GLU H 38 -0.31 27.72 26.83
C GLU H 38 -1.45 26.72 26.76
N ARG H 39 -1.35 25.68 27.59
CA ARG H 39 -2.37 24.65 27.66
C ARG H 39 -3.70 25.30 27.90
N TYR H 40 -4.74 24.71 27.34
CA TYR H 40 -6.11 25.20 27.52
C TYR H 40 -7.00 24.02 27.28
N GLU H 41 -8.29 24.24 27.43
CA GLU H 41 -9.31 23.25 27.04
C GLU H 41 -10.57 23.99 26.62
N VAL H 42 -11.31 23.40 25.70
CA VAL H 42 -12.64 23.90 25.45
C VAL H 42 -13.41 22.92 26.31
N ALA H 43 -13.98 23.41 27.41
CA ALA H 43 -14.65 22.57 28.38
C ALA H 43 -16.10 22.86 28.42
N GLY H 44 -16.93 21.87 28.75
CA GLY H 44 -18.35 22.04 28.95
C GLY H 44 -18.43 22.65 30.34
N ASP H 45 -19.47 23.45 30.55
CA ASP H 45 -19.68 24.10 31.83
C ASP H 45 -21.00 23.60 32.44
N VAL H 46 -20.87 23.10 33.67
CA VAL H 46 -21.96 22.51 34.41
C VAL H 46 -22.20 23.26 35.73
N VAL H 47 -21.44 24.33 35.93
CA VAL H 47 -21.50 25.19 37.12
C VAL H 47 -21.93 26.66 36.88
N GLY H 48 -21.72 27.18 35.66
CA GLY H 48 -22.13 28.56 35.33
C GLY H 48 -21.05 29.62 35.53
N ALA H 49 -19.87 29.34 35.03
CA ALA H 49 -18.75 30.27 35.19
C ALA H 49 -18.75 31.35 34.11
N GLY H 50 -18.11 32.48 34.41
CA GLY H 50 -18.07 33.60 33.48
C GLY H 50 -16.69 34.15 33.25
N LEU H 51 -16.62 35.09 32.32
CA LEU H 51 -15.36 35.70 31.89
C LEU H 51 -14.44 36.03 33.05
N ASN H 52 -13.19 35.60 32.94
CA ASN H 52 -12.12 35.92 33.93
C ASN H 52 -12.16 35.26 35.30
N GLU H 53 -13.21 34.50 35.53
CA GLU H 53 -13.36 33.77 36.76
C GLU H 53 -12.37 32.62 36.73
N TRP H 54 -11.82 32.28 37.91
CA TRP H 54 -10.89 31.16 38.12
C TRP H 54 -11.77 29.93 38.35
N VAL H 55 -11.41 28.84 37.67
CA VAL H 55 -12.22 27.62 37.71
C VAL H 55 -11.39 26.36 37.87
N LEU H 56 -12.09 25.29 38.26
CA LEU H 56 -11.50 23.94 38.30
C LEU H 56 -11.98 23.16 37.05
N VAL H 57 -10.99 22.56 36.38
CA VAL H 57 -11.19 21.82 35.15
C VAL H 57 -10.82 20.32 35.35
N ALA H 58 -11.83 19.47 35.23
CA ALA H 58 -11.63 18.03 35.28
C ALA H 58 -11.23 17.63 33.85
N ARG H 59 -10.24 16.74 33.71
CA ARG H 59 -9.91 16.25 32.38
C ARG H 59 -10.15 14.76 32.21
N GLY H 60 -10.28 14.33 30.96
CA GLY H 60 -10.44 12.90 30.63
C GLY H 60 -11.81 12.43 31.04
N SER H 61 -11.99 11.15 31.29
CA SER H 61 -13.30 10.57 31.70
C SER H 61 -14.01 11.13 32.94
N ALA H 62 -13.25 11.93 33.68
CA ALA H 62 -13.73 12.62 34.88
C ALA H 62 -14.84 13.58 34.50
N ALA H 63 -14.66 14.16 33.32
CA ALA H 63 -15.53 15.15 32.70
C ALA H 63 -16.88 14.62 32.35
N ARG H 64 -17.11 13.31 32.41
CA ARG H 64 -18.42 12.76 32.06
C ARG H 64 -19.15 12.17 33.24
N LYS H 65 -18.71 12.57 34.44
CA LYS H 65 -19.24 12.05 35.70
C LYS H 65 -20.34 12.88 36.35
N GLU H 66 -21.01 13.76 35.61
CA GLU H 66 -22.12 14.52 36.22
C GLU H 66 -23.43 13.93 35.72
N ARG H 67 -24.51 14.19 36.44
CA ARG H 67 -25.84 13.62 36.18
C ARG H 67 -26.07 13.15 34.74
N GLY H 68 -26.19 14.07 33.79
CA GLY H 68 -26.52 13.66 32.42
C GLY H 68 -25.43 13.67 31.36
N ASN H 69 -24.19 13.49 31.78
CA ASN H 69 -23.08 13.62 30.86
C ASN H 69 -22.34 12.36 30.47
N GLY H 70 -22.89 11.21 30.87
CA GLY H 70 -22.24 9.91 30.68
C GLY H 70 -22.03 9.43 29.24
N ASP H 71 -22.89 9.91 28.36
CA ASP H 71 -22.84 9.55 26.96
C ASP H 71 -22.38 10.68 26.05
N ARG H 72 -21.79 11.74 26.61
CA ARG H 72 -21.39 12.88 25.79
C ARG H 72 -19.92 12.82 25.49
N PRO H 73 -19.50 13.30 24.32
CA PRO H 73 -18.07 13.29 24.05
C PRO H 73 -17.31 14.36 24.77
N LEU H 74 -17.44 14.39 26.09
CA LEU H 74 -16.74 15.40 26.92
C LEU H 74 -15.37 14.98 27.53
N ASP H 75 -14.35 15.71 27.11
CA ASP H 75 -12.94 15.60 27.57
C ASP H 75 -12.56 16.42 28.74
N ALA H 76 -13.29 17.50 28.92
CA ALA H 76 -13.02 18.54 29.88
C ALA H 76 -14.37 19.07 30.38
N MET H 77 -14.47 19.25 31.70
CA MET H 77 -15.68 19.81 32.30
C MET H 77 -15.24 20.82 33.37
N VAL H 78 -15.88 21.98 33.41
CA VAL H 78 -15.70 22.94 34.51
C VAL H 78 -16.60 22.43 35.63
N VAL H 79 -15.97 21.94 36.69
CA VAL H 79 -16.69 21.39 37.84
C VAL H 79 -16.75 22.30 39.10
N GLY H 80 -16.05 23.44 39.05
CA GLY H 80 -16.07 24.40 40.12
C GLY H 80 -15.52 25.78 39.82
N ILE H 81 -16.03 26.76 40.55
CA ILE H 81 -15.53 28.15 40.54
C ILE H 81 -14.70 28.33 41.82
N ILE H 82 -13.49 28.85 41.70
CA ILE H 82 -12.59 28.93 42.84
C ILE H 82 -12.71 30.27 43.58
N ASP H 83 -12.92 30.14 44.89
CA ASP H 83 -12.98 31.27 45.83
C ASP H 83 -11.58 31.70 46.22
N THR H 84 -10.83 30.73 46.72
CA THR H 84 -9.50 31.00 47.23
C THR H 84 -8.52 29.83 46.95
N VAL H 85 -7.27 30.21 46.64
CA VAL H 85 -6.14 29.30 46.54
C VAL H 85 -5.13 29.78 47.60
N ASN H 86 -4.89 28.95 48.62
CA ASN H 86 -3.96 29.31 49.70
C ASN H 86 -2.71 28.48 49.76
N VAL H 87 -1.57 29.16 49.73
CA VAL H 87 -0.24 28.52 49.80
C VAL H 87 0.46 28.83 51.14
N ALA H 88 1.74 28.48 51.27
CA ALA H 88 2.50 28.72 52.52
C ALA H 88 2.75 30.21 52.74
N SER H 89 2.93 30.92 51.64
CA SER H 89 3.18 32.36 51.66
C SER H 89 1.93 33.12 52.08
N GLY H 90 0.79 32.51 51.80
CA GLY H 90 -0.51 33.07 52.12
C GLY H 90 -1.44 32.81 50.96
N SER H 91 -2.39 33.72 50.76
CA SER H 91 -3.38 33.60 49.70
C SER H 91 -2.76 33.91 48.35
N LEU H 92 -2.88 32.98 47.41
CA LEU H 92 -2.36 33.15 46.04
C LEU H 92 -3.45 33.82 45.21
N TYR H 93 -4.70 33.50 45.58
CA TYR H 93 -5.86 34.04 44.92
C TYR H 93 -7.06 34.09 45.87
N ASN H 94 -7.80 35.18 45.77
CA ASN H 94 -9.01 35.41 46.56
C ASN H 94 -9.94 36.11 45.57
N LYS H 95 -11.09 35.50 45.31
CA LYS H 95 -12.05 36.01 44.35
C LYS H 95 -12.59 37.42 44.64
N ARG H 96 -13.03 37.69 45.88
CA ARG H 96 -13.36 39.07 46.24
C ARG H 96 -12.03 39.79 46.07
N ASP H 97 -11.97 41.11 46.20
CA ASP H 97 -10.71 41.81 45.89
C ASP H 97 -10.09 41.38 44.52
N ASP H 98 -10.86 41.66 43.47
CA ASP H 98 -10.52 41.46 42.04
C ASP H 98 -11.80 41.14 41.24
N MET I 1 2.34 6.82 39.23
CA MET I 1 1.95 7.96 40.07
C MET I 1 3.10 8.97 40.11
N GLN I 2 2.77 10.18 40.56
CA GLN I 2 3.81 11.18 40.60
C GLN I 2 4.23 11.62 41.98
N LEU I 3 5.52 11.88 42.10
CA LEU I 3 6.05 12.46 43.31
C LEU I 3 5.61 13.93 43.25
N ALA I 4 5.05 14.40 44.35
CA ALA I 4 4.53 15.75 44.45
C ALA I 4 4.67 16.28 45.90
N LYS I 5 4.75 17.61 46.01
CA LYS I 5 4.88 18.33 47.29
C LYS I 5 3.65 19.19 47.51
N VAL I 6 3.11 19.20 48.72
CA VAL I 6 1.86 19.94 48.94
C VAL I 6 2.15 21.41 49.09
N LEU I 7 1.56 22.20 48.16
CA LEU I 7 1.74 23.66 48.15
C LEU I 7 0.72 24.45 48.97
N GLY I 8 -0.53 23.97 48.96
CA GLY I 8 -1.60 24.58 49.71
C GLY I 8 -2.97 23.92 49.47
N THR I 9 -4.03 24.68 49.67
CA THR I 9 -5.41 24.23 49.51
C THR I 9 -6.20 25.13 48.54
N VAL I 10 -7.21 24.51 47.92
CA VAL I 10 -8.11 25.18 46.99
C VAL I 10 -9.47 25.16 47.57
N VAL I 11 -10.06 26.35 47.73
CA VAL I 11 -11.43 26.46 48.24
C VAL I 11 -12.34 26.89 47.10
N SER I 12 -13.36 26.09 46.86
CA SER I 12 -14.37 26.35 45.83
C SER I 12 -15.73 26.11 46.48
N THR I 13 -16.60 27.11 46.44
CA THR I 13 -17.95 26.98 47.01
C THR I 13 -18.99 26.75 45.91
N SER I 14 -18.80 27.38 44.74
CA SER I 14 -19.67 27.18 43.58
C SER I 14 -19.07 26.02 42.77
N LYS I 15 -19.63 24.83 42.98
CA LYS I 15 -19.15 23.60 42.34
C LYS I 15 -20.24 22.51 42.19
N THR I 16 -19.83 21.41 41.55
CA THR I 16 -20.73 20.29 41.34
C THR I 16 -21.02 19.56 42.64
N PRO I 17 -22.23 18.97 42.75
CA PRO I 17 -22.58 18.26 43.99
C PRO I 17 -21.72 17.05 44.29
N ASN I 18 -21.09 16.51 43.26
CA ASN I 18 -20.18 15.37 43.40
C ASN I 18 -18.83 15.77 43.99
N LEU I 19 -18.57 17.06 44.10
CA LEU I 19 -17.29 17.51 44.64
C LEU I 19 -17.47 18.04 46.07
N THR I 20 -18.63 17.72 46.65
CA THR I 20 -18.94 18.15 47.99
C THR I 20 -18.32 17.20 48.98
N GLY I 21 -17.55 17.74 49.93
CA GLY I 21 -16.88 16.93 50.94
C GLY I 21 -15.52 16.43 50.49
N VAL I 22 -15.09 16.80 49.30
CA VAL I 22 -13.75 16.42 48.89
C VAL I 22 -12.78 17.59 49.20
N LYS I 23 -11.71 17.29 49.92
CA LYS I 23 -10.67 18.24 50.24
C LYS I 23 -9.79 18.43 49.00
N LEU I 24 -9.57 19.67 48.59
CA LEU I 24 -8.80 19.95 47.37
C LEU I 24 -7.41 20.49 47.66
N LEU I 25 -6.39 19.70 47.35
CA LEU I 25 -5.01 20.17 47.59
C LEU I 25 -4.35 20.48 46.30
N LEU I 26 -3.63 21.60 46.32
CA LEU I 26 -2.73 22.02 45.21
C LEU I 26 -1.37 21.35 45.47
N VAL I 27 -1.04 20.36 44.64
CA VAL I 27 0.18 19.54 44.74
C VAL I 27 1.09 19.72 43.53
N GLN I 28 2.28 20.25 43.76
CA GLN I 28 3.25 20.53 42.72
C GLN I 28 4.04 19.28 42.39
N PHE I 29 4.20 18.96 41.10
CA PHE I 29 4.99 17.77 40.76
C PHE I 29 6.52 17.98 40.97
N LEU I 30 7.17 16.88 41.31
CA LEU I 30 8.60 16.80 41.54
C LEU I 30 9.24 15.80 40.59
N ASP I 31 10.48 16.06 40.21
CA ASP I 31 11.15 15.16 39.28
C ASP I 31 11.91 14.06 40.03
N THR I 32 12.71 13.33 39.28
CA THR I 32 13.45 12.19 39.79
C THR I 32 14.58 12.58 40.77
N LYS I 33 14.94 13.85 40.77
CA LYS I 33 15.95 14.35 41.70
C LYS I 33 15.32 15.20 42.81
N GLY I 34 14.02 14.99 43.04
CA GLY I 34 13.27 15.71 44.05
C GLY I 34 13.09 17.20 43.81
N GLN I 35 13.30 17.62 42.58
CA GLN I 35 13.18 19.02 42.22
C GLN I 35 11.77 19.31 41.69
N PRO I 36 11.28 20.55 41.92
CA PRO I 36 9.92 20.92 41.56
C PRO I 36 9.75 21.20 40.08
N LEU I 37 8.68 20.65 39.54
CA LEU I 37 8.35 20.83 38.14
C LEU I 37 7.22 21.86 38.02
N GLU I 38 6.93 22.26 36.79
CA GLU I 38 5.90 23.25 36.56
C GLU I 38 4.56 22.55 36.63
N ARG I 39 4.52 21.31 36.18
CA ARG I 39 3.28 20.55 36.25
C ARG I 39 2.83 20.47 37.69
N TYR I 40 1.51 20.44 37.85
CA TYR I 40 0.84 20.30 39.13
C TYR I 40 -0.54 19.66 38.90
N GLU I 41 -1.21 19.42 40.01
CA GLU I 41 -2.58 19.02 39.96
C GLU I 41 -3.29 19.58 41.18
N VAL I 42 -4.54 19.94 40.99
CA VAL I 42 -5.41 20.21 42.13
C VAL I 42 -6.00 18.80 42.30
N ALA I 43 -5.57 18.16 43.37
CA ALA I 43 -6.00 16.80 43.65
C ALA I 43 -6.87 16.72 44.88
N GLY I 44 -7.77 15.75 44.87
CA GLY I 44 -8.57 15.42 46.05
C GLY I 44 -7.62 14.69 47.02
N ASP I 45 -7.91 14.79 48.31
CA ASP I 45 -7.06 14.18 49.33
C ASP I 45 -7.83 13.20 50.19
N VAL I 46 -7.41 11.94 50.14
CA VAL I 46 -8.04 10.81 50.82
C VAL I 46 -7.13 10.23 51.90
N VAL I 47 -5.97 10.85 52.04
CA VAL I 47 -4.94 10.41 52.98
C VAL I 47 -4.69 11.34 54.17
N GLY I 48 -4.97 12.62 54.01
CA GLY I 48 -4.69 13.58 55.07
C GLY I 48 -3.31 14.28 55.01
N ALA I 49 -2.90 14.72 53.83
CA ALA I 49 -1.57 15.38 53.67
C ALA I 49 -1.55 16.84 54.01
N GLY I 50 -0.39 17.32 54.40
CA GLY I 50 -0.26 18.71 54.78
C GLY I 50 0.87 19.42 54.10
N LEU I 51 0.89 20.73 54.29
CA LEU I 51 1.91 21.61 53.68
C LEU I 51 3.35 21.08 53.68
N ASN I 52 3.96 21.13 52.51
CA ASN I 52 5.33 20.70 52.28
C ASN I 52 5.62 19.20 52.35
N GLU I 53 4.60 18.38 52.66
CA GLU I 53 4.78 16.93 52.69
C GLU I 53 4.92 16.45 51.26
N TRP I 54 5.69 15.38 51.08
CA TRP I 54 5.82 14.68 49.79
C TRP I 54 4.74 13.64 49.70
N VAL I 55 4.15 13.55 48.51
CA VAL I 55 3.01 12.69 48.32
C VAL I 55 2.99 11.93 46.98
N LEU I 56 2.17 10.89 46.93
CA LEU I 56 1.96 10.13 45.72
C LEU I 56 0.64 10.52 45.12
N VAL I 57 0.68 10.96 43.86
CA VAL I 57 -0.50 11.47 43.13
C VAL I 57 -0.89 10.52 42.01
N ALA I 58 -2.09 9.99 42.10
CA ALA I 58 -2.68 9.13 41.08
C ALA I 58 -3.40 10.04 40.05
N ARG I 59 -3.19 9.80 38.76
CA ARG I 59 -3.86 10.58 37.74
C ARG I 59 -4.87 9.83 36.93
N GLY I 60 -5.80 10.57 36.34
CA GLY I 60 -6.81 9.98 35.47
C GLY I 60 -7.81 9.13 36.21
N SER I 61 -8.40 8.16 35.55
CA SER I 61 -9.43 7.34 36.19
C SER I 61 -9.02 6.59 37.45
N ALA I 62 -7.69 6.58 37.70
CA ALA I 62 -7.12 5.95 38.90
C ALA I 62 -7.56 6.74 40.15
N ALA I 63 -7.68 8.04 39.96
CA ALA I 63 -8.08 8.98 41.00
C ALA I 63 -9.52 8.74 41.49
N ARG I 64 -10.29 7.87 40.82
CA ARG I 64 -11.66 7.61 41.20
C ARG I 64 -11.89 6.17 41.63
N LYS I 65 -10.82 5.53 42.11
CA LYS I 65 -10.87 4.14 42.56
C LYS I 65 -10.82 3.98 44.09
N GLU I 66 -11.30 4.95 44.86
CA GLU I 66 -11.44 4.77 46.32
C GLU I 66 -12.90 4.55 46.70
N ARG I 67 -13.13 4.01 47.90
CA ARG I 67 -14.49 3.66 48.33
C ARG I 67 -15.62 4.49 47.73
N GLY I 68 -15.73 5.77 48.09
CA GLY I 68 -16.83 6.59 47.60
C GLY I 68 -16.53 7.62 46.53
N ASN I 69 -15.56 7.37 45.66
CA ASN I 69 -15.16 8.38 44.67
C ASN I 69 -15.43 8.02 43.23
N GLY I 70 -16.22 6.97 43.02
CA GLY I 70 -16.49 6.47 41.68
C GLY I 70 -17.26 7.35 40.74
N ASP I 71 -18.09 8.23 41.32
CA ASP I 71 -18.95 9.11 40.52
C ASP I 71 -18.51 10.58 40.62
N ARG I 72 -17.31 10.82 41.09
CA ARG I 72 -16.90 12.16 41.35
C ARG I 72 -15.94 12.60 40.23
N PRO I 73 -15.98 13.89 39.83
CA PRO I 73 -15.19 14.30 38.71
C PRO I 73 -13.70 14.55 39.04
N LEU I 74 -13.09 13.53 39.67
CA LEU I 74 -11.68 13.60 40.06
C LEU I 74 -10.70 13.01 39.01
N ASP I 75 -9.79 13.92 38.70
CA ASP I 75 -8.69 13.87 37.77
C ASP I 75 -7.37 13.37 38.39
N ALA I 76 -7.22 13.72 39.67
CA ALA I 76 -6.04 13.52 40.45
C ALA I 76 -6.43 13.27 41.90
N MET I 77 -5.80 12.27 42.51
CA MET I 77 -5.97 11.97 43.92
C MET I 77 -4.64 11.82 44.62
N VAL I 78 -4.53 12.40 45.82
CA VAL I 78 -3.36 12.16 46.67
C VAL I 78 -3.71 10.83 47.38
N VAL I 79 -3.01 9.75 46.99
CA VAL I 79 -3.20 8.38 47.45
C VAL I 79 -2.21 7.89 48.54
N GLY I 80 -1.19 8.68 48.84
CA GLY I 80 -0.27 8.33 49.89
C GLY I 80 0.76 9.40 50.22
N ILE I 81 1.30 9.32 51.43
CA ILE I 81 2.31 10.22 51.95
C ILE I 81 3.62 9.44 51.85
N ILE I 82 4.67 10.08 51.33
CA ILE I 82 5.93 9.40 51.10
C ILE I 82 6.82 9.52 52.32
N ASP I 83 7.33 8.36 52.77
CA ASP I 83 8.30 8.27 53.90
C ASP I 83 9.73 8.38 53.37
N THR I 84 10.01 7.53 52.38
CA THR I 84 11.35 7.49 51.79
C THR I 84 11.28 7.18 50.32
N VAL I 85 12.23 7.77 49.59
CA VAL I 85 12.50 7.47 48.18
C VAL I 85 14.00 7.10 48.11
N ASN I 86 14.27 5.83 47.80
CA ASN I 86 15.64 5.26 47.78
C ASN I 86 16.14 4.93 46.38
N VAL I 87 17.26 5.56 46.01
CA VAL I 87 17.91 5.38 44.69
C VAL I 87 19.23 4.60 44.84
N ALA I 88 20.01 4.52 43.77
CA ALA I 88 21.27 3.77 43.79
C ALA I 88 22.30 4.50 44.63
N SER I 89 22.30 5.83 44.55
CA SER I 89 23.24 6.65 45.33
C SER I 89 22.89 6.62 46.82
N GLY I 90 21.64 6.27 47.13
CA GLY I 90 21.16 6.15 48.50
C GLY I 90 19.77 6.74 48.62
N SER I 91 19.46 7.30 49.79
CA SER I 91 18.16 7.91 50.06
C SER I 91 18.08 9.29 49.37
N LEU I 92 17.08 9.48 48.52
CA LEU I 92 16.84 10.74 47.82
C LEU I 92 15.95 11.62 48.70
N TYR I 93 15.13 10.97 49.51
CA TYR I 93 14.26 11.64 50.47
C TYR I 93 13.92 10.72 51.64
N ASN I 94 13.93 11.32 52.83
CA ASN I 94 13.53 10.65 54.07
C ASN I 94 12.74 11.73 54.81
N LYS I 95 11.49 11.44 55.15
CA LYS I 95 10.67 12.48 55.80
C LYS I 95 11.19 12.88 57.21
N ARG I 96 12.01 12.03 57.83
CA ARG I 96 12.59 12.32 59.15
C ARG I 96 13.97 13.01 59.08
N MET J 1 3.31 1.82 25.58
CA MET J 1 4.08 1.38 26.79
CA MET J 1 4.06 1.50 26.80
C MET J 1 5.41 2.17 26.59
N GLN J 2 6.10 2.47 27.69
CA GLN J 2 7.38 3.22 27.60
C GLN J 2 8.57 2.45 28.10
N LEU J 3 9.71 2.74 27.45
CA LEU J 3 10.96 2.13 27.85
C LEU J 3 11.34 2.94 29.10
N ALA J 4 11.77 2.24 30.14
CA ALA J 4 12.17 2.88 31.38
C ALA J 4 13.23 2.04 32.12
N LYS J 5 13.98 2.72 32.98
CA LYS J 5 15.08 2.14 33.76
C LYS J 5 14.76 2.29 35.25
N VAL J 6 14.97 1.24 36.01
CA VAL J 6 14.57 1.24 37.42
C VAL J 6 15.59 2.00 38.23
N LEU J 7 15.10 3.09 38.82
CA LEU J 7 15.94 3.98 39.64
C LEU J 7 16.01 3.58 41.13
N GLY J 8 14.90 3.12 41.65
CA GLY J 8 14.80 2.71 43.03
C GLY J 8 13.41 2.35 43.48
N THR J 9 13.17 2.47 44.79
CA THR J 9 11.88 2.13 45.42
C THR J 9 11.27 3.29 46.22
N VAL J 10 9.96 3.30 46.30
CA VAL J 10 9.22 4.32 47.04
C VAL J 10 8.44 3.65 48.15
N VAL J 11 8.73 4.07 49.37
CA VAL J 11 8.09 3.50 50.54
C VAL J 11 7.12 4.55 51.09
N SER J 12 5.87 4.12 51.20
CA SER J 12 4.80 4.94 51.73
C SER J 12 4.03 4.08 52.71
N THR J 13 3.88 4.58 53.93
CA THR J 13 3.16 3.91 55.00
C THR J 13 1.74 4.43 55.12
N SER J 14 1.64 5.75 55.01
CA SER J 14 0.36 6.39 55.12
C SER J 14 -0.25 6.45 53.70
N LYS J 15 -1.08 5.47 53.39
CA LYS J 15 -1.66 5.31 52.04
C LYS J 15 -3.05 4.72 52.02
N THR J 16 -3.64 4.70 50.85
CA THR J 16 -4.97 4.13 50.72
C THR J 16 -4.88 2.62 50.84
N PRO J 17 -5.90 1.96 51.42
CA PRO J 17 -5.97 0.51 51.55
C PRO J 17 -5.82 -0.27 50.25
N ASN J 18 -6.22 0.33 49.13
CA ASN J 18 -6.15 -0.29 47.82
C ASN J 18 -4.72 -0.33 47.30
N LEU J 19 -3.79 0.30 48.01
CA LEU J 19 -2.39 0.37 47.56
C LEU J 19 -1.48 -0.48 48.49
N THR J 20 -2.14 -1.30 49.33
CA THR J 20 -1.41 -2.12 50.27
C THR J 20 -1.09 -3.40 49.54
N GLY J 21 0.16 -3.83 49.68
CA GLY J 21 0.67 -5.01 48.98
C GLY J 21 1.19 -4.68 47.58
N VAL J 22 1.19 -3.40 47.21
CA VAL J 22 1.75 -3.02 45.91
C VAL J 22 3.23 -2.58 46.09
N LYS J 23 4.13 -3.17 45.31
CA LYS J 23 5.54 -2.78 45.35
C LYS J 23 5.61 -1.57 44.45
N LEU J 24 6.17 -0.48 44.97
CA LEU J 24 6.23 0.79 44.25
C LEU J 24 7.63 1.12 43.79
N LEU J 25 7.79 1.12 42.47
CA LEU J 25 9.07 1.43 41.85
C LEU J 25 9.14 2.76 41.12
N LEU J 26 10.18 3.51 41.38
CA LEU J 26 10.52 4.76 40.68
C LEU J 26 11.28 4.42 39.38
N VAL J 27 10.57 4.54 38.26
CA VAL J 27 11.09 4.19 36.92
C VAL J 27 11.26 5.45 36.04
N GLN J 28 12.50 5.75 35.64
CA GLN J 28 12.85 6.91 34.79
C GLN J 28 12.68 6.57 33.33
N PHE J 29 11.98 7.39 32.56
CA PHE J 29 11.72 7.03 31.17
C PHE J 29 12.96 7.18 30.33
N LEU J 30 12.99 6.43 29.24
CA LEU J 30 14.09 6.44 28.29
C LEU J 30 13.55 6.79 26.93
N ASP J 31 14.38 7.42 26.11
CA ASP J 31 13.96 7.77 24.75
C ASP J 31 14.35 6.65 23.77
N THR J 32 14.08 6.91 22.50
CA THR J 32 14.28 5.98 21.40
C THR J 32 15.76 5.57 21.19
N LYS J 33 16.68 6.33 21.76
CA LYS J 33 18.12 6.03 21.71
C LYS J 33 18.66 5.52 23.05
N GLY J 34 17.78 4.95 23.87
CA GLY J 34 18.12 4.44 25.20
C GLY J 34 18.64 5.48 26.22
N GLN J 35 18.34 6.76 25.97
CA GLN J 35 18.81 7.85 26.82
C GLN J 35 17.73 8.27 27.83
N PRO J 36 18.16 8.66 29.04
CA PRO J 36 17.21 9.03 30.10
C PRO J 36 16.48 10.36 29.90
N LEU J 37 15.17 10.30 30.08
CA LEU J 37 14.30 11.44 29.98
C LEU J 37 13.99 11.98 31.37
N GLU J 38 13.38 13.16 31.40
CA GLU J 38 12.95 13.80 32.67
C GLU J 38 11.69 13.07 33.19
N ARG J 39 10.81 12.71 32.26
CA ARG J 39 9.60 12.00 32.57
C ARG J 39 9.94 10.73 33.35
N TYR J 40 9.06 10.40 34.29
CA TYR J 40 9.21 9.22 35.13
C TYR J 40 7.82 8.77 35.56
N GLU J 41 7.76 7.68 36.30
CA GLU J 41 6.52 7.25 36.98
C GLU J 41 6.81 6.46 38.23
N VAL J 42 6.08 6.70 39.29
CA VAL J 42 6.18 5.77 40.40
C VAL J 42 5.19 4.73 39.92
N ALA J 43 5.68 3.55 39.61
CA ALA J 43 4.78 2.52 39.08
C ALA J 43 4.76 1.31 39.98
N GLY J 44 3.65 0.61 39.96
CA GLY J 44 3.56 -0.64 40.72
C GLY J 44 4.27 -1.70 39.91
N ASP J 45 4.80 -2.71 40.59
CA ASP J 45 5.55 -3.78 39.94
C ASP J 45 4.89 -5.14 40.10
N VAL J 46 4.55 -5.74 38.98
CA VAL J 46 3.87 -7.02 38.91
C VAL J 46 4.73 -8.09 38.25
N VAL J 47 5.95 -7.69 37.89
CA VAL J 47 6.89 -8.58 37.22
C VAL J 47 8.18 -8.92 38.02
N GLY J 48 8.58 -8.10 39.00
CA GLY J 48 9.76 -8.39 39.83
C GLY J 48 11.02 -7.79 39.29
N ALA J 49 10.99 -6.50 38.94
CA ALA J 49 12.14 -5.82 38.36
C ALA J 49 13.12 -5.26 39.40
N GLY J 50 14.37 -5.09 39.02
CA GLY J 50 15.39 -4.57 39.93
C GLY J 50 16.17 -3.36 39.44
N LEU J 51 16.96 -2.79 40.34
CA LEU J 51 17.76 -1.59 40.05
C LEU J 51 18.56 -1.66 38.74
N ASN J 52 18.42 -0.64 37.90
CA ASN J 52 19.12 -0.53 36.62
C ASN J 52 18.61 -1.45 35.50
N GLU J 53 17.62 -2.30 35.77
CA GLU J 53 17.02 -3.09 34.68
C GLU J 53 16.18 -2.18 33.80
N TRP J 54 16.07 -2.51 32.51
CA TRP J 54 15.16 -1.84 31.59
C TRP J 54 13.85 -2.57 31.61
N VAL J 55 12.76 -1.79 31.63
CA VAL J 55 11.39 -2.30 31.76
C VAL J 55 10.36 -1.65 30.84
N LEU J 56 9.22 -2.33 30.68
CA LEU J 56 8.09 -1.77 29.93
C LEU J 56 7.11 -1.24 30.94
N VAL J 57 6.68 0.01 30.76
CA VAL J 57 5.75 0.70 31.68
C VAL J 57 4.40 1.08 31.00
N ALA J 58 3.33 0.45 31.47
CA ALA J 58 1.96 0.67 30.99
C ALA J 58 1.31 1.83 31.76
N ARG J 59 0.78 2.80 31.03
CA ARG J 59 0.19 3.99 31.62
C ARG J 59 -1.34 4.05 31.53
N GLY J 60 -1.90 4.84 32.46
CA GLY J 60 -3.31 5.10 32.53
C GLY J 60 -4.02 3.86 32.98
N SER J 61 -5.26 3.66 32.51
CA SER J 61 -6.08 2.52 32.94
C SER J 61 -5.51 1.18 32.59
N ALA J 62 -4.47 1.19 31.73
CA ALA J 62 -3.78 -0.05 31.31
C ALA J 62 -3.14 -0.70 32.49
N ALA J 63 -2.66 0.13 33.39
CA ALA J 63 -1.97 -0.29 34.60
C ALA J 63 -2.87 -0.99 35.60
N ARG J 64 -4.18 -1.03 35.37
CA ARG J 64 -5.09 -1.76 36.27
C ARG J 64 -5.67 -3.00 35.63
N LYS J 65 -5.01 -3.49 34.58
CA LYS J 65 -5.47 -4.68 33.86
C LYS J 65 -4.84 -6.02 34.26
N GLU J 66 -4.28 -6.12 35.46
CA GLU J 66 -3.72 -7.41 35.91
C GLU J 66 -4.69 -8.05 36.94
N ARG J 67 -4.60 -9.37 37.13
CA ARG J 67 -5.53 -10.12 37.99
C ARG J 67 -6.24 -9.36 39.12
N GLY J 68 -5.47 -8.91 40.12
CA GLY J 68 -6.08 -8.21 41.26
C GLY J 68 -5.87 -6.70 41.35
N ASN J 69 -5.69 -6.00 40.23
CA ASN J 69 -5.42 -4.56 40.28
C ASN J 69 -6.52 -3.67 39.78
N GLY J 70 -7.69 -4.23 39.52
CA GLY J 70 -8.81 -3.48 38.93
C GLY J 70 -9.39 -2.34 39.74
N ASP J 71 -9.24 -2.43 41.06
CA ASP J 71 -9.77 -1.40 41.91
C ASP J 71 -8.70 -0.64 42.71
N ARG J 72 -7.49 -0.67 42.21
CA ARG J 72 -6.39 0.00 42.88
C ARG J 72 -6.10 1.28 42.11
N PRO J 73 -5.60 2.30 42.80
CA PRO J 73 -5.40 3.60 42.21
C PRO J 73 -4.10 3.70 41.40
N LEU J 74 -3.91 2.73 40.50
CA LEU J 74 -2.66 2.67 39.71
C LEU J 74 -2.76 3.29 38.31
N ASP J 75 -1.86 4.27 38.17
CA ASP J 75 -1.53 5.16 37.02
C ASP J 75 -0.53 4.57 36.00
N ALA J 76 0.37 3.73 36.56
CA ALA J 76 1.54 3.19 35.92
C ALA J 76 1.84 1.79 36.46
N MET J 77 2.16 0.85 35.56
CA MET J 77 2.49 -0.53 35.95
C MET J 77 3.68 -1.02 35.14
N VAL J 78 4.63 -1.61 35.84
CA VAL J 78 5.78 -2.26 35.23
C VAL J 78 5.22 -3.62 34.80
N VAL J 79 5.06 -3.78 33.49
CA VAL J 79 4.42 -4.96 32.92
C VAL J 79 5.37 -6.01 32.28
N GLY J 80 6.64 -5.63 32.15
CA GLY J 80 7.64 -6.53 31.66
C GLY J 80 9.04 -6.00 31.76
N ILE J 81 9.98 -6.95 31.74
CA ILE J 81 11.43 -6.72 31.77
C ILE J 81 11.98 -6.89 30.35
N ILE J 82 12.73 -5.90 29.91
CA ILE J 82 13.26 -5.88 28.55
C ILE J 82 14.53 -6.68 28.40
N ASP J 83 14.50 -7.63 27.45
CA ASP J 83 15.67 -8.44 27.07
C ASP J 83 16.47 -7.74 25.99
N THR J 84 15.73 -7.35 24.95
CA THR J 84 16.28 -6.76 23.77
C THR J 84 15.39 -5.70 23.09
N VAL J 85 16.05 -4.63 22.64
CA VAL J 85 15.42 -3.69 21.75
C VAL J 85 16.27 -3.65 20.46
N ASN J 86 15.64 -4.06 19.36
CA ASN J 86 16.27 -4.17 18.05
C ASN J 86 15.81 -3.14 17.04
N VAL J 87 16.74 -2.32 16.54
CA VAL J 87 16.42 -1.29 15.53
C VAL J 87 17.04 -1.64 14.16
N ALA J 88 17.05 -0.71 13.21
CA ALA J 88 17.61 -0.95 11.88
C ALA J 88 19.15 -1.04 11.93
N SER J 89 19.76 -0.23 12.78
CA SER J 89 21.21 -0.20 12.97
C SER J 89 21.68 -1.51 13.59
N GLY J 90 20.78 -2.14 14.35
CA GLY J 90 21.05 -3.40 15.04
C GLY J 90 20.42 -3.35 16.43
N SER J 91 21.07 -4.00 17.39
CA SER J 91 20.58 -4.06 18.77
C SER J 91 20.89 -2.74 19.49
N LEU J 92 19.85 -2.10 20.02
CA LEU J 92 19.96 -0.84 20.79
C LEU J 92 20.24 -1.17 22.25
N TYR J 93 19.72 -2.32 22.68
CA TYR J 93 19.93 -2.84 24.02
C TYR J 93 19.79 -4.35 24.05
N ASN J 94 20.69 -4.98 24.80
CA ASN J 94 20.67 -6.43 25.04
C ASN J 94 21.05 -6.56 26.50
N LYS J 95 20.20 -7.19 27.30
CA LYS J 95 20.47 -7.23 28.74
C LYS J 95 21.76 -7.90 29.14
N ARG J 96 22.48 -8.55 28.22
CA ARG J 96 23.71 -9.25 28.57
C ARG J 96 24.85 -8.86 27.62
C1 GOL K . -1.82 -17.11 -28.66
C1 GOL K . -2.02 -17.54 -27.45
C1 GOL K . -2.48 -15.79 -26.81
C1 GOL K . -3.06 -15.20 -28.09
C1 GOL K . -2.66 -16.12 -29.16
O1 GOL K . -2.23 -16.82 -29.98
O1 GOL K . -1.47 -18.26 -28.57
O1 GOL K . -1.55 -16.54 -26.05
O1 GOL K . -2.98 -14.53 -26.82
O1 GOL K . -3.44 -14.93 -29.24
C2 GOL K . -2.97 -17.10 -27.66
C2 GOL K . -3.29 -16.80 -27.78
C2 GOL K . -3.34 -16.65 -27.72
C2 GOL K . -3.20 -16.72 -27.98
C2 GOL K . -3.05 -17.05 -28.01
O2 GOL K . -3.96 -18.03 -27.99
O2 GOL K . -4.30 -17.68 -28.16
O2 GOL K . -4.08 -17.60 -27.00
O2 GOL K . -4.35 -17.10 -27.29
O2 GOL K . -4.39 -17.43 -28.10
C3 GOL K . -3.58 -15.72 -27.65
C3 GOL K . -3.00 -15.82 -28.90
C3 GOL K . -2.43 -17.35 -28.69
C3 GOL K . -1.99 -17.25 -27.25
C3 GOL K . -2.83 -16.30 -26.72
O3 GOL K . -3.75 -15.20 -28.96
O3 GOL K . -2.18 -16.43 -29.90
O3 GOL K . -1.28 -17.85 -28.03
O3 GOL K . -1.66 -16.45 -26.14
O3 GOL K . -3.26 -14.95 -26.81
C1 GOL L . -8.10 -19.46 -27.29
O1 GOL L . -8.51 -19.62 -28.65
C2 GOL L . -6.74 -20.15 -27.10
O2 GOL L . -5.67 -19.25 -27.30
C3 GOL L . -6.71 -21.34 -28.07
O3 GOL L . -8.02 -21.89 -28.26
C1 GOL M . -9.31 7.12 29.15
C1 GOL M . -9.00 5.85 29.39
C1 GOL M . -8.15 6.34 31.07
C1 GOL M . -8.97 7.57 31.44
C1 GOL M . -9.70 7.92 30.22
O1 GOL M . -10.14 8.27 29.13
O1 GOL M . -9.54 6.44 28.13
O1 GOL M . -7.42 5.49 30.19
O1 GOL M . -7.93 7.00 32.22
O1 GOL M . -9.74 8.51 31.52
C2 GOL M . -9.61 6.14 30.27
C2 GOL M . -9.75 6.33 30.63
C2 GOL M . -9.65 6.38 30.80
C2 GOL M . -9.73 6.55 30.58
C2 GOL M . -9.81 6.39 30.25
O2 GOL M . -10.93 5.67 30.24
O2 GOL M . -11.07 5.89 30.61
O2 GOL M . -10.27 5.13 30.92
O2 GOL M . -10.39 5.57 31.32
O2 GOL M . -10.97 5.95 30.86
C3 GOL M . -9.37 6.82 31.61
C3 GOL M . -9.68 7.85 30.66
C3 GOL M . -9.86 6.88 29.38
C3 GOL M . -8.72 5.90 29.65
C3 GOL M . -8.61 5.86 31.03
O3 GOL M . -9.92 8.12 31.63
O3 GOL M . -9.96 8.42 29.38
O3 GOL M . -8.94 6.26 28.49
O3 GOL M . -7.48 5.64 30.30
O3 GOL M . -8.33 6.66 32.17
C1 GOL N . -14.13 3.41 32.60
O1 GOL N . -15.03 4.48 32.34
C2 GOL N . -13.43 3.14 31.28
O2 GOL N . -12.43 4.11 31.30
C3 GOL N . -14.45 3.37 30.15
O3 GOL N . -15.75 2.94 30.61
#